data_5XT5
#
_entry.id   5XT5
#
_cell.length_a   74.980
_cell.length_b   74.980
_cell.length_c   364.410
_cell.angle_alpha   90.000
_cell.angle_beta   90.000
_cell.angle_gamma   120.000
#
_symmetry.space_group_name_H-M   'P 65'
#
loop_
_entity.id
_entity.type
_entity.pdbx_description
1 polymer 'Zinc-dependent sulfurtransferase SufU'
2 polymer 'Cysteine desulfurase SufS'
3 non-polymer 'ZINC ION'
4 non-polymer "PYRIDOXAL-5'-PHOSPHATE"
5 water water
#
loop_
_entity_poly.entity_id
_entity_poly.type
_entity_poly.pdbx_seq_one_letter_code
_entity_poly.pdbx_strand_id
1 'polypeptide(L)'
;MSFNANLDTLYRQVIMDHYKNPRNKGVLNDSIVVDMNNPTCGDRIRLTMKLDGDIVEDAKFEGEGCSISMASASMMTQAI
KGKDIETALSMSKIFSDMMQGKEYDDSIDLGDIEALQGVSKFPARIKCATLSWKALEKGVAKEEGGNLEHHHHHH
;
D,C
2 'polypeptide(L)'
;MGHMNITDIREQFPILHQQVNGHDLVYLDSAATSQKPRAVIETLDKYYNQYNSNVHRGVHTLGTRATDGYEGAREKVRKF
INAKSMAEIIFTKGTTTSLNMVALSYARANLKPGDEVVITYMEHHANIIPWQQAVKATGATLKYIPLQEDGTISLEDVRE
TVTSNTKIVAVSHVSNVLGTVNPIKEMAKIAHDNGAVIVVDGAQSTPHMKIDVQDLDCDFFALSSHKMCGPTGVGVLYGK
KALLENMEPAEFGGEMIDFVGLYESTWKELPWKFEAGTPIIAGAIGLGAAIDFLEEIGLDEISRHEHKLAAYALERFRQL
DGVTVYGPEERAGLVTFNLDDVHPHDVATVLDAEGIAVRAGHHCAQPLMKWLDVTATARASFYLYNTEEEIDKLVEALQK
TKEYFTNVFVDLEHHHHHH
;
A,B
#
# COMPACT_ATOMS: atom_id res chain seq x y z
N ASN A 6 -15.92 20.60 -35.39
CA ASN A 6 -14.46 20.92 -35.11
C ASN A 6 -13.64 19.63 -35.33
N LEU A 7 -12.62 19.37 -34.47
CA LEU A 7 -11.98 18.03 -34.31
C LEU A 7 -13.03 17.00 -33.88
N ASP A 8 -14.05 17.49 -33.14
CA ASP A 8 -15.16 16.68 -32.66
C ASP A 8 -16.07 16.15 -33.73
N THR A 9 -15.83 16.47 -35.01
CA THR A 9 -16.63 15.94 -36.11
C THR A 9 -16.06 14.54 -36.53
N LEU A 10 -15.13 13.98 -35.76
CA LEU A 10 -14.98 12.49 -35.65
C LEU A 10 -16.07 11.66 -34.74
N TYR A 11 -17.20 12.32 -34.51
CA TYR A 11 -18.51 11.83 -34.15
C TYR A 11 -19.33 11.79 -35.51
N ARG A 12 -18.95 10.88 -36.41
CA ARG A 12 -19.45 10.89 -37.76
C ARG A 12 -20.99 10.84 -37.92
N GLN A 13 -21.46 11.43 -39.03
CA GLN A 13 -22.82 11.27 -39.62
C GLN A 13 -23.51 9.91 -39.28
N VAL A 14 -22.88 8.82 -39.72
CA VAL A 14 -23.40 7.48 -39.58
C VAL A 14 -23.45 7.06 -38.08
N ILE A 15 -22.44 7.47 -37.31
CA ILE A 15 -22.44 7.20 -35.86
C ILE A 15 -23.66 7.82 -35.18
N MET A 16 -23.92 9.08 -35.51
CA MET A 16 -25.05 9.80 -34.93
C MET A 16 -26.36 9.18 -35.35
N ASP A 17 -26.39 8.52 -36.50
CA ASP A 17 -27.60 7.86 -36.97
C ASP A 17 -27.86 6.65 -36.08
N HIS A 18 -26.83 5.84 -35.84
CA HIS A 18 -27.00 4.67 -34.98
C HIS A 18 -27.34 5.04 -33.52
N TYR A 19 -26.81 6.17 -33.06
CA TYR A 19 -27.26 6.69 -31.77
C TYR A 19 -28.74 7.15 -31.73
N LYS A 20 -29.13 7.96 -32.72
CA LYS A 20 -30.52 8.42 -32.91
C LYS A 20 -31.48 7.25 -33.08
N ASN A 21 -31.20 6.38 -34.05
CA ASN A 21 -32.10 5.28 -34.44
C ASN A 21 -31.38 3.94 -34.41
N PRO A 22 -31.27 3.33 -33.21
CA PRO A 22 -30.49 2.08 -33.09
C PRO A 22 -31.04 0.93 -33.89
N ARG A 23 -30.21 -0.07 -34.14
CA ARG A 23 -30.60 -1.18 -34.99
C ARG A 23 -31.34 -2.33 -34.29
N ASN A 24 -30.63 -3.13 -33.49
CA ASN A 24 -31.32 -4.31 -32.93
C ASN A 24 -31.66 -4.13 -31.46
N LYS A 25 -32.61 -3.23 -31.17
CA LYS A 25 -32.92 -2.91 -29.77
C LYS A 25 -33.94 -3.84 -29.15
N GLY A 26 -33.57 -4.53 -28.07
CA GLY A 26 -34.51 -5.44 -27.43
C GLY A 26 -33.82 -6.59 -26.75
N VAL A 27 -34.60 -7.66 -26.52
CA VAL A 27 -34.19 -8.82 -25.76
C VAL A 27 -34.42 -10.04 -26.69
N LEU A 28 -33.52 -11.01 -26.62
CA LEU A 28 -33.72 -12.27 -27.26
C LEU A 28 -33.75 -13.44 -26.26
N ASN A 29 -34.70 -14.32 -26.54
CA ASN A 29 -34.97 -15.53 -25.79
C ASN A 29 -34.42 -16.77 -26.52
N ASP A 30 -34.42 -17.90 -25.81
CA ASP A 30 -33.52 -19.06 -26.03
C ASP A 30 -32.18 -18.57 -26.61
N SER A 31 -31.23 -18.19 -25.76
CA SER A 31 -30.07 -17.39 -26.17
C SER A 31 -28.81 -17.56 -25.34
N ILE A 32 -27.71 -17.14 -25.92
CA ILE A 32 -26.49 -16.83 -25.19
C ILE A 32 -26.61 -15.35 -24.73
N VAL A 33 -26.50 -15.17 -23.41
CA VAL A 33 -26.77 -13.88 -22.80
C VAL A 33 -25.52 -13.33 -22.10
N VAL A 34 -24.98 -12.22 -22.57
CA VAL A 34 -23.85 -11.57 -21.87
C VAL A 34 -24.30 -10.21 -21.36
N ASP A 35 -23.84 -9.88 -20.17
CA ASP A 35 -24.14 -8.56 -19.62
C ASP A 35 -22.85 -7.87 -19.27
N MET A 36 -22.65 -6.65 -19.75
CA MET A 36 -21.35 -6.03 -19.59
C MET A 36 -21.44 -4.54 -19.27
N ASN A 37 -20.50 -4.05 -18.46
CA ASN A 37 -20.34 -2.63 -18.19
C ASN A 37 -18.99 -2.17 -18.64
N ASN A 38 -18.98 -0.94 -19.09
CA ASN A 38 -17.77 -0.32 -19.57
C ASN A 38 -16.95 0.02 -18.35
N PRO A 39 -15.65 -0.40 -18.37
CA PRO A 39 -14.81 -0.08 -17.22
C PRO A 39 -14.83 1.42 -16.97
N THR A 40 -14.83 2.24 -18.03
CA THR A 40 -15.04 3.69 -17.90
C THR A 40 -16.56 3.82 -17.63
N CYS A 41 -16.91 3.78 -16.37
CA CYS A 41 -18.28 3.55 -15.91
C CYS A 41 -19.39 4.37 -16.57
N GLY A 42 -20.51 3.73 -16.88
CA GLY A 42 -21.75 4.42 -17.24
C GLY A 42 -22.43 3.89 -18.50
N ASP A 43 -21.74 2.99 -19.19
CA ASP A 43 -22.25 2.36 -20.39
C ASP A 43 -22.53 0.93 -20.00
N ARG A 44 -23.79 0.54 -20.21
CA ARG A 44 -24.28 -0.78 -19.91
C ARG A 44 -24.83 -1.42 -21.19
N ILE A 45 -24.48 -2.67 -21.39
CA ILE A 45 -25.04 -3.46 -22.47
C ILE A 45 -25.53 -4.79 -21.91
N ARG A 46 -26.65 -5.24 -22.44
CA ARG A 46 -27.12 -6.62 -22.26
C ARG A 46 -27.26 -7.16 -23.66
N LEU A 47 -26.23 -7.90 -24.03
CA LEU A 47 -26.09 -8.36 -25.39
C LEU A 47 -26.61 -9.73 -25.52
N THR A 48 -27.50 -9.94 -26.47
CA THR A 48 -28.12 -11.29 -26.60
C THR A 48 -27.94 -11.78 -28.01
N MET A 49 -27.35 -12.98 -28.09
CA MET A 49 -27.24 -13.64 -29.37
C MET A 49 -27.91 -15.00 -29.37
N LYS A 50 -28.86 -15.15 -30.31
CA LYS A 50 -29.48 -16.44 -30.64
C LYS A 50 -28.83 -16.91 -31.95
N LEU A 51 -28.21 -18.09 -31.83
CA LEU A 51 -27.33 -18.57 -32.84
C LEU A 51 -27.88 -19.88 -33.46
N ASP A 52 -27.53 -20.06 -34.73
CA ASP A 52 -27.86 -21.25 -35.51
C ASP A 52 -26.58 -22.05 -35.68
N GLY A 53 -26.19 -22.80 -34.64
CA GLY A 53 -24.87 -23.51 -34.64
C GLY A 53 -23.72 -22.55 -34.41
N ASP A 54 -22.94 -22.24 -35.47
CA ASP A 54 -21.72 -21.39 -35.41
C ASP A 54 -21.90 -19.91 -35.83
N ILE A 55 -23.15 -19.55 -36.08
CA ILE A 55 -23.52 -18.28 -36.74
C ILE A 55 -24.54 -17.58 -35.87
N VAL A 56 -24.62 -16.27 -35.94
CA VAL A 56 -25.59 -15.54 -35.10
C VAL A 56 -26.77 -15.21 -36.00
N GLU A 57 -27.86 -15.94 -35.84
CA GLU A 57 -29.04 -15.71 -36.68
C GLU A 57 -29.69 -14.37 -36.36
N ASP A 58 -29.84 -14.08 -35.07
CA ASP A 58 -30.17 -12.75 -34.64
C ASP A 58 -29.29 -12.32 -33.45
N ALA A 59 -28.89 -11.04 -33.48
CA ALA A 59 -28.22 -10.46 -32.33
C ALA A 59 -28.93 -9.17 -31.99
N LYS A 60 -29.14 -8.98 -30.71
CA LYS A 60 -29.90 -7.84 -30.23
C LYS A 60 -29.15 -7.28 -29.01
N PHE A 61 -29.48 -6.06 -28.60
CA PHE A 61 -28.95 -5.51 -27.36
C PHE A 61 -29.93 -4.54 -26.76
N GLU A 62 -29.83 -4.40 -25.45
CA GLU A 62 -30.37 -3.22 -24.77
C GLU A 62 -29.29 -2.60 -23.87
N GLY A 63 -29.31 -1.28 -23.78
CA GLY A 63 -28.46 -0.62 -22.84
C GLY A 63 -28.77 0.79 -22.50
N GLU A 64 -27.84 1.43 -21.81
CA GLU A 64 -27.89 2.89 -21.54
C GLU A 64 -26.47 3.34 -21.58
N GLY A 65 -26.19 4.35 -22.38
CA GLY A 65 -24.87 4.89 -22.40
C GLY A 65 -24.68 5.96 -23.44
N CYS A 66 -23.43 6.39 -23.56
CA CYS A 66 -23.01 7.45 -24.48
C CYS A 66 -23.29 7.11 -25.93
N SER A 67 -23.15 8.11 -26.78
CA SER A 67 -23.36 7.90 -28.21
C SER A 67 -22.47 6.80 -28.80
N ILE A 68 -21.17 6.90 -28.54
CA ILE A 68 -20.24 5.90 -29.04
C ILE A 68 -20.55 4.45 -28.65
N SER A 69 -20.84 4.19 -27.39
CA SER A 69 -21.00 2.82 -26.91
C SER A 69 -22.23 2.18 -27.52
N MET A 70 -23.33 2.96 -27.50
CA MET A 70 -24.62 2.48 -28.01
C MET A 70 -24.60 2.36 -29.55
N ALA A 71 -23.94 3.30 -30.22
CA ALA A 71 -23.86 3.30 -31.65
C ALA A 71 -23.01 2.15 -32.08
N SER A 72 -21.98 1.85 -31.32
CA SER A 72 -21.08 0.77 -31.71
C SER A 72 -21.83 -0.56 -31.51
N ALA A 73 -22.68 -0.63 -30.49
CA ALA A 73 -23.50 -1.82 -30.25
C ALA A 73 -24.47 -2.05 -31.40
N SER A 74 -25.12 -0.98 -31.83
CA SER A 74 -26.08 -0.99 -32.92
C SER A 74 -25.40 -1.45 -34.22
N MET A 75 -24.32 -0.77 -34.59
CA MET A 75 -23.59 -1.10 -35.80
C MET A 75 -23.07 -2.52 -35.73
N MET A 76 -22.58 -2.90 -34.58
CA MET A 76 -22.11 -4.25 -34.30
C MET A 76 -23.19 -5.32 -34.55
N THR A 77 -24.32 -5.18 -33.88
CA THR A 77 -25.39 -6.18 -33.94
C THR A 77 -25.86 -6.33 -35.38
N GLN A 78 -25.85 -5.23 -36.13
CA GLN A 78 -26.29 -5.26 -37.53
C GLN A 78 -25.23 -5.85 -38.44
N ALA A 79 -23.97 -5.57 -38.15
CA ALA A 79 -22.87 -6.12 -38.94
C ALA A 79 -22.54 -7.55 -38.56
N ILE A 80 -23.19 -8.03 -37.51
CA ILE A 80 -22.95 -9.38 -36.98
C ILE A 80 -24.18 -10.27 -37.18
N LYS A 81 -25.34 -9.72 -37.56
CA LYS A 81 -26.49 -10.50 -38.05
C LYS A 81 -26.05 -11.39 -39.25
N GLY A 82 -26.10 -12.70 -39.06
CA GLY A 82 -25.76 -13.69 -40.10
C GLY A 82 -24.30 -14.08 -40.22
N LYS A 83 -23.44 -13.59 -39.33
CA LYS A 83 -21.99 -13.81 -39.41
C LYS A 83 -21.61 -15.25 -39.25
N ASP A 84 -20.51 -15.61 -39.90
CA ASP A 84 -20.05 -16.97 -40.09
C ASP A 84 -19.20 -17.45 -38.87
N ILE A 85 -18.05 -18.09 -39.09
CA ILE A 85 -17.24 -18.73 -38.05
C ILE A 85 -16.60 -17.74 -37.03
N GLU A 86 -15.52 -18.21 -36.41
CA GLU A 86 -14.66 -17.37 -35.59
C GLU A 86 -14.02 -16.21 -36.39
N THR A 87 -14.47 -16.01 -37.61
CA THR A 87 -14.33 -14.79 -38.40
C THR A 87 -14.87 -13.59 -37.60
N ALA A 88 -15.86 -13.84 -36.75
CA ALA A 88 -16.38 -12.82 -35.83
C ALA A 88 -15.30 -12.31 -34.86
N LEU A 89 -14.53 -13.25 -34.31
CA LEU A 89 -13.34 -12.92 -33.54
C LEU A 89 -12.28 -12.19 -34.37
N SER A 90 -12.16 -12.56 -35.64
CA SER A 90 -11.24 -11.87 -36.55
C SER A 90 -11.66 -10.43 -36.74
N MET A 91 -12.98 -10.22 -36.87
CA MET A 91 -13.54 -8.87 -36.94
C MET A 91 -13.20 -8.09 -35.67
N SER A 92 -13.34 -8.74 -34.51
CA SER A 92 -13.01 -8.12 -33.23
C SER A 92 -11.55 -7.69 -33.13
N LYS A 93 -10.66 -8.58 -33.53
CA LYS A 93 -9.23 -8.27 -33.46
C LYS A 93 -8.90 -7.12 -34.41
N ILE A 94 -9.51 -7.14 -35.60
CA ILE A 94 -9.38 -6.05 -36.56
C ILE A 94 -9.87 -4.74 -35.92
N PHE A 95 -11.02 -4.78 -35.24
CA PHE A 95 -11.56 -3.58 -34.60
C PHE A 95 -10.58 -3.02 -33.56
N SER A 96 -10.04 -3.91 -32.74
CA SER A 96 -9.08 -3.51 -31.69
C SER A 96 -7.81 -2.91 -32.29
N ASP A 97 -7.31 -3.47 -33.38
CA ASP A 97 -6.17 -2.87 -34.12
C ASP A 97 -6.55 -1.50 -34.67
N MET A 98 -7.80 -1.39 -35.12
CA MET A 98 -8.29 -0.14 -35.68
C MET A 98 -8.30 0.98 -34.66
N MET A 99 -8.57 0.62 -33.40
CA MET A 99 -8.57 1.59 -32.31
C MET A 99 -7.19 2.03 -31.88
N GLN A 100 -6.21 1.18 -32.13
CA GLN A 100 -4.86 1.46 -31.75
C GLN A 100 -4.14 2.15 -32.88
N GLY A 101 -4.83 2.56 -33.93
CA GLY A 101 -4.14 3.29 -35.01
C GLY A 101 -3.50 2.46 -36.09
N LYS A 102 -3.24 1.16 -35.84
CA LYS A 102 -2.63 0.26 -36.83
C LYS A 102 -3.57 -0.02 -38.02
N GLU A 103 -3.00 -0.23 -39.22
CA GLU A 103 -3.76 -0.81 -40.34
C GLU A 103 -4.04 -2.33 -40.14
N TYR A 104 -5.09 -2.83 -40.79
CA TYR A 104 -5.63 -4.17 -40.65
C TYR A 104 -5.88 -4.90 -42.00
N ASP A 105 -6.47 -6.10 -41.96
CA ASP A 105 -6.86 -6.81 -43.18
C ASP A 105 -8.24 -6.29 -43.64
N ASP A 106 -8.16 -5.18 -44.34
CA ASP A 106 -9.31 -4.37 -44.73
C ASP A 106 -10.24 -5.07 -45.77
N SER A 107 -11.55 -4.95 -45.59
CA SER A 107 -12.57 -5.54 -46.48
C SER A 107 -12.64 -7.06 -46.46
N ILE A 108 -13.07 -7.59 -45.33
CA ILE A 108 -13.63 -8.95 -45.20
C ILE A 108 -15.00 -8.50 -44.72
N ASP A 109 -15.74 -7.94 -45.68
CA ASP A 109 -16.98 -7.18 -45.46
C ASP A 109 -16.87 -6.07 -44.42
N LEU A 110 -16.85 -6.43 -43.13
CA LEU A 110 -16.90 -5.49 -41.99
C LEU A 110 -17.94 -4.40 -42.12
N GLY A 111 -19.16 -4.81 -42.44
CA GLY A 111 -20.28 -3.91 -42.74
C GLY A 111 -20.37 -2.69 -41.86
N ASP A 112 -20.34 -1.52 -42.51
CA ASP A 112 -20.65 -0.18 -41.92
C ASP A 112 -19.59 0.14 -40.90
N ILE A 113 -19.94 0.49 -39.67
CA ILE A 113 -18.96 0.86 -38.59
C ILE A 113 -17.85 1.76 -39.11
N GLU A 114 -16.63 1.26 -39.15
CA GLU A 114 -15.47 1.95 -39.68
C GLU A 114 -15.39 3.43 -39.44
N ALA A 115 -16.52 4.13 -39.46
CA ALA A 115 -16.59 5.51 -38.92
C ALA A 115 -16.07 5.62 -37.48
N LEU A 116 -16.17 4.53 -36.71
CA LEU A 116 -15.49 4.42 -35.44
C LEU A 116 -13.97 4.45 -35.50
N GLN A 117 -13.41 4.41 -36.72
CA GLN A 117 -12.01 4.75 -37.01
C GLN A 117 -11.64 6.01 -36.27
N GLY A 118 -12.56 6.98 -36.25
CA GLY A 118 -12.30 8.27 -35.67
C GLY A 118 -11.87 8.25 -34.21
N VAL A 119 -12.32 7.25 -33.47
CA VAL A 119 -11.94 7.22 -32.09
C VAL A 119 -10.57 6.60 -31.85
N SER A 120 -9.79 6.41 -32.89
CA SER A 120 -8.34 6.31 -32.74
C SER A 120 -7.78 7.59 -32.09
N LYS A 121 -8.41 8.74 -32.32
CA LYS A 121 -8.24 9.91 -31.46
C LYS A 121 -9.25 9.73 -30.31
N PHE A 122 -9.18 10.60 -29.31
CA PHE A 122 -10.06 10.45 -28.14
C PHE A 122 -9.86 9.05 -27.55
N PRO A 123 -8.63 8.70 -27.12
CA PRO A 123 -8.43 7.33 -26.62
C PRO A 123 -9.28 7.02 -25.37
N ALA A 124 -9.73 8.05 -24.67
CA ALA A 124 -10.61 7.90 -23.53
C ALA A 124 -11.95 7.24 -23.88
N ARG A 125 -12.26 7.18 -25.17
CA ARG A 125 -13.48 6.58 -25.66
C ARG A 125 -13.32 5.21 -26.28
N ILE A 126 -12.10 4.69 -26.37
CA ILE A 126 -11.84 3.39 -26.95
C ILE A 126 -12.78 2.37 -26.29
N LYS A 127 -12.76 2.36 -24.96
CA LYS A 127 -13.56 1.45 -24.18
C LYS A 127 -15.05 1.58 -24.41
N CYS A 128 -15.48 2.81 -24.71
CA CYS A 128 -16.86 3.08 -25.07
C CYS A 128 -17.19 2.36 -26.37
N ALA A 129 -16.28 2.36 -27.34
CA ALA A 129 -16.56 1.68 -28.61
C ALA A 129 -16.34 0.21 -28.49
N THR A 130 -15.53 -0.22 -27.52
CA THR A 130 -15.16 -1.64 -27.50
C THR A 130 -16.11 -2.47 -26.64
N LEU A 131 -16.91 -1.82 -25.80
CA LEU A 131 -17.82 -2.52 -24.93
C LEU A 131 -18.59 -3.62 -25.67
N SER A 132 -19.31 -3.24 -26.71
CA SER A 132 -20.15 -4.19 -27.44
C SER A 132 -19.27 -5.38 -27.91
N TRP A 133 -18.10 -5.09 -28.48
CA TRP A 133 -17.22 -6.13 -28.99
C TRP A 133 -16.68 -7.01 -27.87
N LYS A 134 -16.42 -6.40 -26.70
CA LYS A 134 -15.90 -7.15 -25.54
C LYS A 134 -16.96 -8.21 -25.18
N ALA A 135 -18.22 -7.76 -25.16
CA ALA A 135 -19.34 -8.63 -24.93
C ALA A 135 -19.33 -9.85 -25.87
N LEU A 136 -19.12 -9.62 -27.18
CA LEU A 136 -19.09 -10.71 -28.14
C LEU A 136 -18.00 -11.74 -27.81
N GLU A 137 -16.81 -11.25 -27.45
CA GLU A 137 -15.68 -12.14 -27.24
C GLU A 137 -15.87 -13.04 -26.01
N LYS A 138 -16.66 -12.56 -25.04
CA LYS A 138 -17.04 -13.32 -23.87
C LYS A 138 -18.20 -14.27 -24.22
N GLY A 139 -19.02 -13.87 -25.22
CA GLY A 139 -20.14 -14.67 -25.74
C GLY A 139 -19.68 -16.04 -26.21
N VAL A 140 -18.59 -16.07 -26.95
CA VAL A 140 -18.03 -17.30 -27.54
C VAL A 140 -16.95 -17.93 -26.67
N ALA A 141 -16.71 -17.38 -25.48
CA ALA A 141 -15.73 -17.96 -24.56
C ALA A 141 -16.23 -19.31 -23.99
N LYS A 142 -15.98 -20.36 -24.80
CA LYS A 142 -16.40 -21.76 -24.59
C LYS A 142 -17.91 -21.97 -24.27
N HIS B 3 30.86 -4.86 -19.83
CA HIS B 3 29.68 -4.89 -18.97
C HIS B 3 29.59 -3.65 -18.07
N MET B 4 29.24 -3.83 -16.78
CA MET B 4 28.95 -2.80 -15.78
C MET B 4 30.15 -1.91 -15.45
N ASN B 5 29.93 -0.62 -15.70
CA ASN B 5 30.87 0.38 -15.30
C ASN B 5 30.41 0.93 -14.00
N ILE B 6 31.05 0.51 -12.91
CA ILE B 6 30.56 0.88 -11.57
C ILE B 6 30.52 2.39 -11.27
N THR B 7 31.54 3.10 -11.74
CA THR B 7 31.53 4.58 -11.73
C THR B 7 30.23 5.26 -12.31
N ASP B 8 29.89 4.86 -13.54
CA ASP B 8 28.70 5.36 -14.22
C ASP B 8 27.39 4.96 -13.50
N ILE B 9 27.32 3.73 -13.01
CA ILE B 9 26.20 3.23 -12.23
C ILE B 9 26.03 4.07 -10.95
N ARG B 10 27.14 4.26 -10.19
CA ARG B 10 27.02 4.97 -8.92
C ARG B 10 26.64 6.44 -9.11
N GLU B 11 27.08 7.00 -10.23
CA GLU B 11 26.80 8.39 -10.57
C GLU B 11 25.30 8.68 -10.59
N GLN B 12 24.51 7.71 -11.00
CA GLN B 12 23.06 7.84 -11.03
C GLN B 12 22.29 7.76 -9.69
N PHE B 13 22.97 7.51 -8.57
CA PHE B 13 22.30 7.39 -7.27
C PHE B 13 22.70 8.52 -6.34
N PRO B 14 21.96 9.67 -6.34
CA PRO B 14 22.43 10.82 -5.51
C PRO B 14 22.69 10.50 -4.04
N ILE B 15 21.94 9.55 -3.46
CA ILE B 15 22.07 9.27 -2.03
C ILE B 15 23.48 8.78 -1.65
N LEU B 16 24.20 8.21 -2.65
CA LEU B 16 25.51 7.60 -2.38
C LEU B 16 26.57 8.64 -2.17
N HIS B 17 26.42 9.85 -2.70
CA HIS B 17 27.45 10.90 -2.70
C HIS B 17 27.25 11.85 -1.53
N GLN B 18 27.43 11.34 -0.31
CA GLN B 18 27.33 12.20 0.88
C GLN B 18 28.21 11.59 1.96
N GLN B 19 28.43 12.35 3.03
CA GLN B 19 29.23 11.96 4.17
C GLN B 19 28.37 11.59 5.36
N VAL B 20 28.88 10.65 6.16
CA VAL B 20 28.29 10.32 7.45
C VAL B 20 29.47 10.28 8.39
N ASN B 21 29.46 11.14 9.39
CA ASN B 21 30.58 11.25 10.37
C ASN B 21 31.96 11.48 9.71
N GLY B 22 31.98 12.39 8.72
CA GLY B 22 33.19 12.72 7.95
C GLY B 22 33.79 11.56 7.14
N HIS B 23 32.97 10.54 6.84
CA HIS B 23 33.42 9.50 5.92
C HIS B 23 32.44 9.43 4.74
N ASP B 24 32.95 9.05 3.57
CA ASP B 24 32.00 8.78 2.47
C ASP B 24 31.08 7.62 2.95
N LEU B 25 29.78 7.79 2.71
CA LEU B 25 28.80 6.78 3.01
C LEU B 25 29.23 5.45 2.40
N VAL B 26 29.19 4.40 3.20
CA VAL B 26 29.36 3.04 2.64
C VAL B 26 28.07 2.24 2.92
N TYR B 27 27.15 2.28 1.96
CA TYR B 27 25.83 1.71 2.17
C TYR B 27 25.84 0.19 1.89
N LEU B 28 25.77 -0.65 2.93
CA LEU B 28 25.77 -2.11 2.76
C LEU B 28 24.52 -2.70 3.39
N ASP B 29 23.37 -2.07 3.12
CA ASP B 29 22.15 -2.53 3.71
C ASP B 29 21.03 -2.68 2.66
N SER B 30 21.44 -3.01 1.44
CA SER B 30 20.47 -3.17 0.37
C SER B 30 19.45 -4.28 0.59
N ALA B 31 19.81 -5.28 1.41
CA ALA B 31 18.85 -6.33 1.75
C ALA B 31 17.72 -5.87 2.65
N ALA B 32 17.95 -4.81 3.40
CA ALA B 32 16.86 -4.12 4.13
C ALA B 32 16.07 -3.21 3.15
N THR B 33 16.81 -2.37 2.39
CA THR B 33 16.16 -1.60 1.31
C THR B 33 17.19 -1.06 0.35
N SER B 34 16.77 -0.93 -0.90
CA SER B 34 17.70 -0.51 -1.96
C SER B 34 17.55 1.01 -2.19
N GLN B 35 18.60 1.60 -2.70
CA GLN B 35 18.54 3.03 -3.14
C GLN B 35 18.13 3.16 -4.58
N LYS B 36 17.84 4.41 -4.97
CA LYS B 36 17.15 4.63 -6.24
C LYS B 36 17.98 5.43 -7.21
N PRO B 37 17.96 5.06 -8.48
CA PRO B 37 18.64 5.90 -9.46
C PRO B 37 17.75 7.11 -9.80
N ARG B 38 18.37 8.16 -10.40
CA ARG B 38 17.63 9.35 -10.87
C ARG B 38 16.52 8.98 -11.84
N ALA B 39 16.73 7.95 -12.65
CA ALA B 39 15.69 7.48 -13.58
C ALA B 39 14.32 7.21 -12.84
N VAL B 40 14.41 6.61 -11.65
CA VAL B 40 13.21 6.28 -10.94
C VAL B 40 12.61 7.53 -10.26
N ILE B 41 13.44 8.28 -9.56
CA ILE B 41 12.93 9.46 -8.78
C ILE B 41 12.28 10.49 -9.78
N GLU B 42 12.89 10.63 -10.96
CA GLU B 42 12.38 11.51 -12.00
C GLU B 42 11.10 10.98 -12.59
N THR B 43 10.92 9.67 -12.59
CA THR B 43 9.67 9.08 -12.98
C THR B 43 8.57 9.55 -12.04
N LEU B 44 8.83 9.49 -10.72
CA LEU B 44 7.86 10.03 -9.70
C LEU B 44 7.59 11.54 -9.91
N ASP B 45 8.67 12.31 -10.13
CA ASP B 45 8.57 13.74 -10.35
C ASP B 45 7.67 14.04 -11.54
N LYS B 46 7.90 13.36 -12.66
CA LYS B 46 7.23 13.67 -13.89
C LYS B 46 5.74 13.29 -13.75
N TYR B 47 5.48 12.16 -13.03
CA TYR B 47 4.14 11.77 -12.77
C TYR B 47 3.39 12.90 -12.01
N TYR B 48 3.93 13.30 -10.86
CA TYR B 48 3.29 14.37 -10.07
C TYR B 48 3.30 15.74 -10.71
N ASN B 49 4.25 15.99 -11.60
CA ASN B 49 4.38 17.35 -12.24
C ASN B 49 3.51 17.46 -13.49
N GLN B 50 3.26 16.35 -14.16
CA GLN B 50 2.64 16.48 -15.49
C GLN B 50 1.33 15.70 -15.68
N TYR B 51 1.09 14.52 -15.07
CA TYR B 51 -0.08 13.76 -15.44
C TYR B 51 -0.80 12.95 -14.35
N ASN B 52 -0.57 13.28 -13.08
CA ASN B 52 -1.34 12.71 -12.03
C ASN B 52 -2.82 12.92 -12.27
N SER B 53 -3.59 11.83 -12.14
CA SER B 53 -5.09 11.77 -12.29
C SER B 53 -5.50 10.37 -11.86
N ASN B 54 -6.78 10.15 -11.58
CA ASN B 54 -7.22 8.85 -11.37
C ASN B 54 -7.16 7.96 -12.59
N VAL B 55 -7.09 6.64 -12.36
CA VAL B 55 -6.87 5.71 -13.45
C VAL B 55 -8.06 4.91 -13.75
N HIS B 56 -8.17 4.43 -15.00
CA HIS B 56 -9.31 3.60 -15.46
C HIS B 56 -10.62 4.41 -15.69
N ARG B 57 -11.43 4.66 -14.69
CA ARG B 57 -12.72 5.28 -14.87
C ARG B 57 -12.50 6.74 -15.24
N GLY B 58 -12.54 7.08 -16.51
CA GLY B 58 -12.04 8.37 -16.85
C GLY B 58 -12.23 8.70 -18.29
N VAL B 59 -12.48 9.98 -18.57
CA VAL B 59 -12.61 10.44 -19.91
C VAL B 59 -11.80 11.74 -20.18
N HIS B 60 -10.92 12.17 -19.30
CA HIS B 60 -10.09 13.33 -19.64
C HIS B 60 -8.61 12.97 -19.95
N THR B 61 -7.91 13.89 -20.61
CA THR B 61 -6.58 13.68 -21.12
C THR B 61 -5.55 13.15 -20.07
N LEU B 62 -5.47 13.80 -18.91
CA LEU B 62 -4.49 13.39 -17.96
C LEU B 62 -4.88 12.03 -17.42
N GLY B 63 -6.19 11.76 -17.26
CA GLY B 63 -6.66 10.43 -16.89
C GLY B 63 -6.16 9.31 -17.82
N THR B 64 -6.27 9.55 -19.12
CA THR B 64 -5.66 8.65 -20.08
C THR B 64 -4.16 8.41 -19.85
N ARG B 65 -3.38 9.49 -19.67
CA ARG B 65 -1.91 9.36 -19.48
C ARG B 65 -1.59 8.54 -18.22
N ALA B 66 -2.31 8.82 -17.13
CA ALA B 66 -2.07 8.17 -15.87
C ALA B 66 -2.42 6.66 -15.99
N THR B 67 -3.52 6.33 -16.70
CA THR B 67 -3.97 4.98 -16.89
C THR B 67 -3.00 4.22 -17.77
N ASP B 68 -2.64 4.79 -18.94
CA ASP B 68 -1.62 4.20 -19.78
C ASP B 68 -0.33 3.96 -18.95
N GLY B 69 0.05 4.88 -18.03
CA GLY B 69 1.26 4.65 -17.25
C GLY B 69 1.11 3.43 -16.32
N TYR B 70 0.04 3.38 -15.56
CA TYR B 70 -0.24 2.33 -14.59
C TYR B 70 -0.31 0.93 -15.31
N GLU B 71 -1.13 0.80 -16.33
CA GLU B 71 -1.27 -0.45 -17.11
C GLU B 71 0.02 -0.79 -17.87
N GLY B 72 0.76 0.22 -18.36
CA GLY B 72 2.04 0.00 -19.04
C GLY B 72 3.06 -0.57 -18.02
N ALA B 73 2.95 -0.12 -16.78
CA ALA B 73 3.85 -0.67 -15.76
C ALA B 73 3.46 -2.18 -15.50
N ARG B 74 2.14 -2.48 -15.52
CA ARG B 74 1.77 -3.84 -15.37
C ARG B 74 2.44 -4.74 -16.42
N GLU B 75 2.43 -4.29 -17.64
CA GLU B 75 3.02 -5.01 -18.73
C GLU B 75 4.55 -5.17 -18.53
N LYS B 76 5.21 -4.13 -18.01
CA LYS B 76 6.63 -4.22 -17.78
C LYS B 76 6.90 -5.30 -16.72
N VAL B 77 6.11 -5.37 -15.67
CA VAL B 77 6.28 -6.40 -14.64
C VAL B 77 6.05 -7.82 -15.27
N ARG B 78 5.02 -7.98 -16.09
CA ARG B 78 4.76 -9.23 -16.70
C ARG B 78 5.96 -9.71 -17.49
N LYS B 79 6.54 -8.82 -18.29
CA LYS B 79 7.67 -9.20 -19.12
C LYS B 79 8.85 -9.47 -18.20
N PHE B 80 9.07 -8.60 -17.23
CA PHE B 80 10.18 -8.73 -16.30
C PHE B 80 10.29 -10.14 -15.71
N ILE B 81 9.17 -10.70 -15.25
CA ILE B 81 9.20 -12.02 -14.55
C ILE B 81 8.68 -13.14 -15.47
N ASN B 82 8.46 -12.80 -16.73
CA ASN B 82 8.00 -13.75 -17.74
C ASN B 82 6.68 -14.48 -17.38
N ALA B 83 5.71 -13.78 -16.78
CA ALA B 83 4.34 -14.24 -16.70
C ALA B 83 3.61 -14.34 -18.08
N LYS B 84 2.78 -15.38 -18.24
CA LYS B 84 2.11 -15.49 -19.53
C LYS B 84 1.18 -14.30 -19.82
N SER B 85 0.62 -13.67 -18.79
CA SER B 85 -0.47 -12.77 -19.07
C SER B 85 -0.56 -11.72 -18.02
N MET B 86 -1.06 -10.56 -18.42
CA MET B 86 -1.25 -9.44 -17.51
CA MET B 86 -1.31 -9.42 -17.54
C MET B 86 -2.29 -9.78 -16.42
N ALA B 87 -3.22 -10.67 -16.77
CA ALA B 87 -4.19 -11.17 -15.79
C ALA B 87 -3.55 -11.76 -14.54
N GLU B 88 -2.26 -12.11 -14.63
CA GLU B 88 -1.57 -12.80 -13.57
C GLU B 88 -0.66 -11.89 -12.79
N ILE B 89 -0.63 -10.61 -13.10
CA ILE B 89 0.17 -9.64 -12.36
C ILE B 89 -0.73 -8.69 -11.52
N ILE B 90 -0.60 -8.73 -10.18
CA ILE B 90 -1.40 -7.89 -9.28
C ILE B 90 -0.48 -6.96 -8.54
N PHE B 91 -0.79 -5.63 -8.58
CA PHE B 91 -0.11 -4.66 -7.74
C PHE B 91 -0.60 -4.68 -6.31
N THR B 92 0.36 -4.78 -5.38
CA THR B 92 0.00 -4.81 -3.97
C THR B 92 0.92 -3.82 -3.28
N LYS B 93 0.78 -3.70 -1.97
CA LYS B 93 1.59 -2.81 -1.16
C LYS B 93 3.05 -3.41 -0.98
N GLY B 94 3.27 -4.72 -1.21
CA GLY B 94 4.58 -5.33 -1.02
C GLY B 94 4.50 -6.86 -0.87
N THR B 95 5.64 -7.50 -0.74
CA THR B 95 5.71 -8.92 -0.60
C THR B 95 4.85 -9.39 0.62
N THR B 96 4.85 -8.63 1.72
CA THR B 96 4.06 -8.96 2.84
C THR B 96 2.58 -9.06 2.54
N THR B 97 2.05 -8.03 1.88
CA THR B 97 0.65 -8.05 1.46
C THR B 97 0.40 -9.16 0.49
N SER B 98 1.31 -9.33 -0.46
CA SER B 98 1.14 -10.38 -1.45
C SER B 98 0.97 -11.78 -0.79
N LEU B 99 1.89 -12.11 0.12
CA LEU B 99 1.87 -13.37 0.78
C LEU B 99 0.57 -13.52 1.62
N ASN B 100 0.16 -12.41 2.28
CA ASN B 100 -1.09 -12.39 3.05
C ASN B 100 -2.32 -12.63 2.17
N MET B 101 -2.29 -12.08 0.94
CA MET B 101 -3.37 -12.33 0.03
C MET B 101 -3.50 -13.84 -0.26
N VAL B 102 -2.39 -14.48 -0.50
CA VAL B 102 -2.39 -15.96 -0.73
C VAL B 102 -2.89 -16.71 0.48
N ALA B 103 -2.44 -16.34 1.66
CA ALA B 103 -2.94 -16.95 2.86
C ALA B 103 -4.41 -16.73 3.13
N LEU B 104 -4.90 -15.52 2.92
CA LEU B 104 -6.32 -15.16 3.14
C LEU B 104 -7.21 -15.79 2.06
N SER B 105 -6.90 -15.58 0.77
CA SER B 105 -7.84 -16.00 -0.25
C SER B 105 -7.63 -17.42 -0.74
N TYR B 106 -6.39 -17.89 -0.82
CA TYR B 106 -6.11 -19.23 -1.30
C TYR B 106 -6.14 -20.26 -0.12
N ALA B 107 -5.32 -20.05 0.91
CA ALA B 107 -5.07 -21.01 1.93
C ALA B 107 -6.30 -21.32 2.76
N ARG B 108 -7.08 -20.31 3.09
CA ARG B 108 -8.26 -20.55 3.90
C ARG B 108 -9.39 -21.28 3.17
N ALA B 109 -9.34 -21.33 1.85
CA ALA B 109 -10.33 -22.04 1.02
C ALA B 109 -9.80 -23.39 0.59
N ASN B 110 -8.53 -23.70 0.85
CA ASN B 110 -8.02 -25.02 0.41
C ASN B 110 -7.29 -25.78 1.53
N LEU B 111 -7.56 -25.44 2.79
CA LEU B 111 -7.02 -26.18 3.92
C LEU B 111 -8.20 -26.70 4.73
N LYS B 112 -8.19 -28.00 5.02
CA LYS B 112 -9.09 -28.59 5.98
C LYS B 112 -8.23 -29.39 6.98
N PRO B 113 -8.83 -29.95 8.03
CA PRO B 113 -7.97 -30.62 8.96
C PRO B 113 -7.28 -31.84 8.31
N GLY B 114 -6.03 -32.06 8.70
CA GLY B 114 -5.17 -33.08 8.09
C GLY B 114 -4.22 -32.54 7.03
N ASP B 115 -4.58 -31.41 6.41
CA ASP B 115 -3.73 -30.75 5.44
C ASP B 115 -2.51 -30.12 6.09
N GLU B 116 -1.51 -29.88 5.28
CA GLU B 116 -0.25 -29.31 5.74
C GLU B 116 0.15 -28.14 4.90
N VAL B 117 0.67 -27.13 5.57
CA VAL B 117 1.44 -26.13 4.91
C VAL B 117 2.92 -26.44 5.31
N VAL B 118 3.77 -26.50 4.29
CA VAL B 118 5.17 -26.78 4.50
C VAL B 118 6.03 -25.59 4.18
N ILE B 119 6.75 -25.10 5.18
CA ILE B 119 7.69 -23.99 5.01
C ILE B 119 9.14 -24.41 5.40
N THR B 120 9.99 -23.43 5.67
CA THR B 120 11.41 -23.64 5.89
C THR B 120 11.80 -22.90 7.16
N TYR B 121 12.86 -23.40 7.83
CA TYR B 121 13.44 -22.66 8.94
C TYR B 121 14.04 -21.25 8.59
N MET B 122 14.42 -21.08 7.32
CA MET B 122 15.10 -19.85 6.98
C MET B 122 14.10 -18.74 6.52
N GLU B 123 12.80 -18.96 6.70
CA GLU B 123 11.82 -18.07 6.12
C GLU B 123 11.81 -16.71 6.84
N HIS B 124 11.63 -15.63 6.05
CA HIS B 124 11.35 -14.32 6.62
C HIS B 124 9.98 -14.38 7.34
N HIS B 125 9.78 -13.61 8.41
CA HIS B 125 8.49 -13.48 9.10
C HIS B 125 7.30 -13.31 8.17
N ALA B 126 7.43 -12.52 7.11
CA ALA B 126 6.38 -12.33 6.08
C ALA B 126 5.90 -13.69 5.58
N ASN B 127 6.80 -14.65 5.44
CA ASN B 127 6.48 -15.99 4.86
C ASN B 127 6.39 -17.01 5.96
N ILE B 128 6.14 -16.59 7.18
CA ILE B 128 5.84 -17.50 8.31
C ILE B 128 4.45 -17.23 8.91
N ILE B 129 4.22 -15.99 9.36
CA ILE B 129 3.06 -15.67 10.17
C ILE B 129 1.70 -15.84 9.45
N PRO B 130 1.63 -15.48 8.17
CA PRO B 130 0.39 -15.71 7.45
C PRO B 130 -0.01 -17.19 7.49
N TRP B 131 0.95 -18.05 7.29
CA TRP B 131 0.70 -19.55 7.38
C TRP B 131 0.30 -19.96 8.75
N GLN B 132 0.98 -19.45 9.77
CA GLN B 132 0.59 -19.70 11.17
C GLN B 132 -0.88 -19.35 11.40
N GLN B 133 -1.33 -18.21 10.85
CA GLN B 133 -2.70 -17.80 11.04
C GLN B 133 -3.67 -18.64 10.21
N ALA B 134 -3.32 -18.85 8.96
CA ALA B 134 -4.08 -19.75 8.09
C ALA B 134 -4.30 -21.19 8.66
N VAL B 135 -3.25 -21.86 9.16
CA VAL B 135 -3.41 -23.22 9.75
C VAL B 135 -4.33 -23.23 10.98
N LYS B 136 -4.22 -22.17 11.74
CA LYS B 136 -5.01 -22.02 12.92
C LYS B 136 -6.48 -21.78 12.58
N ALA B 137 -6.75 -21.02 11.51
CA ALA B 137 -8.10 -20.82 11.05
C ALA B 137 -8.79 -22.10 10.47
N THR B 138 -8.00 -23.01 9.87
CA THR B 138 -8.53 -24.13 9.12
C THR B 138 -8.37 -25.46 9.80
N GLY B 139 -7.62 -25.51 10.90
CA GLY B 139 -7.35 -26.79 11.64
C GLY B 139 -6.24 -27.60 10.96
N ALA B 140 -5.53 -27.01 9.97
CA ALA B 140 -4.43 -27.66 9.31
C ALA B 140 -3.19 -27.66 10.22
N THR B 141 -2.07 -28.07 9.65
CA THR B 141 -0.80 -28.25 10.33
C THR B 141 0.32 -27.48 9.59
N LEU B 142 1.15 -26.77 10.36
CA LEU B 142 2.37 -26.15 9.83
C LEU B 142 3.57 -27.11 10.04
N LYS B 143 4.35 -27.35 9.00
CA LYS B 143 5.55 -28.21 9.09
C LYS B 143 6.77 -27.48 8.47
N TYR B 144 7.94 -27.74 9.01
CA TYR B 144 9.18 -27.11 8.65
C TYR B 144 10.13 -28.13 7.95
N ILE B 145 10.57 -27.82 6.74
CA ILE B 145 11.66 -28.56 6.08
C ILE B 145 12.96 -28.30 6.86
N PRO B 146 13.69 -29.36 7.27
CA PRO B 146 14.95 -29.09 7.96
C PRO B 146 15.99 -28.54 7.03
N LEU B 147 17.06 -28.01 7.60
CA LEU B 147 18.17 -27.46 6.80
C LEU B 147 19.44 -28.27 7.02
N GLN B 148 20.31 -28.32 6.04
CA GLN B 148 21.66 -28.86 6.19
C GLN B 148 22.49 -27.92 7.03
N GLU B 149 23.57 -28.50 7.54
CA GLU B 149 24.65 -27.83 8.27
C GLU B 149 24.99 -26.45 7.77
N ASP B 150 25.11 -26.35 6.45
CA ASP B 150 25.59 -25.14 5.79
C ASP B 150 24.42 -24.16 5.47
N GLY B 151 23.24 -24.47 5.99
CA GLY B 151 22.05 -23.69 5.81
C GLY B 151 21.40 -23.78 4.46
N THR B 152 21.65 -24.82 3.69
CA THR B 152 20.99 -25.03 2.41
C THR B 152 19.91 -26.09 2.66
N ILE B 153 18.99 -26.24 1.72
CA ILE B 153 17.96 -27.26 1.78
C ILE B 153 18.32 -28.40 0.79
N SER B 154 18.25 -29.65 1.29
CA SER B 154 18.35 -30.77 0.37
C SER B 154 17.02 -31.23 -0.22
N LEU B 155 17.08 -31.65 -1.48
CA LEU B 155 15.89 -32.15 -2.17
C LEU B 155 15.30 -33.37 -1.50
N GLU B 156 16.15 -34.11 -0.79
CA GLU B 156 15.69 -35.27 -0.12
C GLU B 156 14.86 -34.87 1.11
N ASP B 157 15.31 -33.84 1.81
CA ASP B 157 14.57 -33.41 2.97
C ASP B 157 13.21 -32.78 2.54
N VAL B 158 13.15 -32.09 1.40
CA VAL B 158 11.85 -31.67 0.84
C VAL B 158 10.92 -32.87 0.58
N ARG B 159 11.43 -33.89 -0.11
CA ARG B 159 10.64 -35.12 -0.41
C ARG B 159 10.16 -35.85 0.84
N GLU B 160 10.99 -35.82 1.88
CA GLU B 160 10.66 -36.38 3.19
C GLU B 160 9.58 -35.56 3.89
N THR B 161 9.66 -34.23 3.81
CA THR B 161 8.75 -33.38 4.54
C THR B 161 7.39 -33.22 3.80
N VAL B 162 7.45 -33.01 2.49
CA VAL B 162 6.22 -32.91 1.67
C VAL B 162 5.55 -34.29 1.54
N THR B 163 4.26 -34.37 1.84
CA THR B 163 3.50 -35.67 1.75
C THR B 163 2.23 -35.42 0.93
N SER B 164 1.48 -36.48 0.71
CA SER B 164 0.17 -36.37 0.02
C SER B 164 -0.86 -35.45 0.73
N ASN B 165 -0.66 -35.20 2.03
CA ASN B 165 -1.46 -34.23 2.79
C ASN B 165 -1.10 -32.78 2.61
N THR B 166 0.03 -32.52 1.96
CA THR B 166 0.49 -31.14 1.80
C THR B 166 -0.34 -30.44 0.74
N LYS B 167 -0.87 -29.26 1.08
CA LYS B 167 -1.60 -28.45 0.10
C LYS B 167 -0.79 -27.27 -0.40
N ILE B 168 0.13 -26.79 0.43
CA ILE B 168 0.92 -25.59 0.14
C ILE B 168 2.35 -25.81 0.62
N VAL B 169 3.31 -25.51 -0.22
CA VAL B 169 4.69 -25.33 0.17
C VAL B 169 5.06 -23.85 -0.04
N ALA B 170 5.53 -23.16 1.02
CA ALA B 170 5.96 -21.77 0.86
C ALA B 170 7.47 -21.67 1.23
N VAL B 171 8.23 -20.99 0.40
CA VAL B 171 9.68 -21.03 0.51
C VAL B 171 10.26 -19.75 -0.08
N SER B 172 11.26 -19.19 0.58
CA SER B 172 11.86 -18.04 -0.03
C SER B 172 12.82 -18.47 -1.17
N HIS B 173 12.82 -17.67 -2.24
CA HIS B 173 13.69 -17.97 -3.37
C HIS B 173 15.16 -17.79 -2.87
N VAL B 174 15.45 -16.67 -2.21
CA VAL B 174 16.78 -16.41 -1.65
C VAL B 174 16.64 -15.95 -0.19
N SER B 175 17.37 -16.60 0.71
CA SER B 175 17.36 -16.22 2.11
C SER B 175 18.06 -14.87 2.31
N ASN B 176 17.42 -14.00 3.07
CA ASN B 176 17.95 -12.67 3.29
C ASN B 176 19.02 -12.70 4.37
N VAL B 177 19.14 -13.82 5.05
CA VAL B 177 20.18 -13.99 6.10
C VAL B 177 21.33 -14.86 5.61
N LEU B 178 21.01 -16.04 5.07
CA LEU B 178 22.02 -17.04 4.72
C LEU B 178 22.61 -16.85 3.35
N GLY B 179 21.90 -16.12 2.49
CA GLY B 179 22.36 -15.95 1.15
C GLY B 179 22.12 -17.11 0.23
N THR B 180 21.52 -18.21 0.74
CA THR B 180 21.25 -19.36 -0.07
C THR B 180 20.21 -19.06 -1.16
N VAL B 181 20.46 -19.67 -2.33
CA VAL B 181 19.53 -19.72 -3.45
C VAL B 181 18.89 -21.09 -3.40
N ASN B 182 17.63 -21.12 -2.97
CA ASN B 182 16.90 -22.34 -2.83
C ASN B 182 16.51 -22.96 -4.17
N PRO B 183 16.48 -24.31 -4.21
CA PRO B 183 16.18 -24.99 -5.52
C PRO B 183 14.65 -24.97 -5.76
N ILE B 184 14.16 -23.80 -6.12
CA ILE B 184 12.75 -23.53 -6.34
C ILE B 184 12.07 -24.30 -7.44
N LYS B 185 12.76 -24.51 -8.56
CA LYS B 185 12.19 -25.22 -9.67
C LYS B 185 11.91 -26.69 -9.30
N GLU B 186 12.94 -27.28 -8.69
CA GLU B 186 12.84 -28.71 -8.27
C GLU B 186 11.79 -28.89 -7.16
N MET B 187 11.68 -27.84 -6.32
CA MET B 187 10.73 -27.82 -5.22
C MET B 187 9.31 -27.72 -5.73
N ALA B 188 9.12 -26.91 -6.79
CA ALA B 188 7.82 -26.78 -7.40
C ALA B 188 7.35 -28.14 -7.93
N LYS B 189 8.27 -28.88 -8.51
CA LYS B 189 7.95 -30.21 -9.02
C LYS B 189 7.54 -31.16 -7.88
N ILE B 190 8.25 -31.13 -6.75
CA ILE B 190 7.91 -32.01 -5.63
C ILE B 190 6.52 -31.60 -5.05
N ALA B 191 6.27 -30.29 -4.99
CA ALA B 191 4.95 -29.80 -4.57
C ALA B 191 3.83 -30.37 -5.49
N HIS B 192 4.06 -30.30 -6.79
CA HIS B 192 3.06 -30.72 -7.77
C HIS B 192 2.82 -32.22 -7.71
N ASP B 193 3.89 -33.01 -7.50
CA ASP B 193 3.79 -34.46 -7.37
C ASP B 193 2.96 -34.89 -6.17
N ASN B 194 2.90 -34.06 -5.13
CA ASN B 194 2.13 -34.35 -3.95
C ASN B 194 0.75 -33.64 -3.87
N GLY B 195 0.30 -33.09 -5.01
CA GLY B 195 -0.99 -32.39 -5.10
C GLY B 195 -0.98 -31.08 -4.33
N ALA B 196 0.16 -30.40 -4.30
CA ALA B 196 0.23 -29.12 -3.57
C ALA B 196 0.62 -27.99 -4.54
N VAL B 197 0.38 -26.77 -4.13
CA VAL B 197 0.91 -25.59 -4.84
C VAL B 197 2.14 -25.08 -4.15
N ILE B 198 2.96 -24.33 -4.87
CA ILE B 198 4.12 -23.69 -4.25
C ILE B 198 3.98 -22.16 -4.28
N VAL B 199 4.27 -21.53 -3.15
CA VAL B 199 4.28 -20.12 -2.98
C VAL B 199 5.74 -19.64 -2.73
N VAL B 200 6.23 -18.77 -3.60
CA VAL B 200 7.62 -18.37 -3.56
C VAL B 200 7.75 -16.96 -3.08
N ASP B 201 8.43 -16.76 -1.97
CA ASP B 201 8.80 -15.45 -1.50
C ASP B 201 10.06 -15.05 -2.27
N GLY B 202 9.89 -14.20 -3.30
CA GLY B 202 10.97 -13.73 -4.11
C GLY B 202 11.39 -12.29 -3.84
N ALA B 203 11.22 -11.79 -2.61
CA ALA B 203 11.58 -10.39 -2.32
C ALA B 203 13.11 -10.20 -2.45
N GLN B 204 13.88 -11.23 -2.12
CA GLN B 204 15.33 -11.16 -2.12
C GLN B 204 16.00 -11.66 -3.41
N SER B 205 15.30 -12.40 -4.24
CA SER B 205 15.85 -12.85 -5.54
C SER B 205 15.59 -11.83 -6.68
N THR B 206 14.31 -11.41 -6.83
CA THR B 206 13.89 -10.51 -7.91
C THR B 206 14.81 -9.27 -8.14
N PRO B 207 15.40 -8.63 -7.07
CA PRO B 207 16.29 -7.45 -7.41
C PRO B 207 17.63 -7.83 -8.04
N HIS B 208 18.06 -9.09 -7.85
CA HIS B 208 19.47 -9.52 -8.04
C HIS B 208 19.71 -10.60 -9.10
N MET B 209 18.66 -11.25 -9.57
CA MET B 209 18.72 -12.35 -10.54
C MET B 209 17.47 -12.29 -11.40
N LYS B 210 17.58 -12.82 -12.63
CA LYS B 210 16.47 -12.94 -13.56
C LYS B 210 15.40 -13.92 -12.96
N ILE B 211 14.14 -13.50 -13.03
CA ILE B 211 13.00 -14.34 -12.63
C ILE B 211 12.23 -14.75 -13.86
N ASP B 212 12.07 -16.06 -14.04
CA ASP B 212 11.21 -16.63 -15.05
C ASP B 212 10.17 -17.54 -14.37
N VAL B 213 8.95 -17.06 -14.17
CA VAL B 213 7.88 -17.79 -13.50
C VAL B 213 7.40 -18.95 -14.31
N GLN B 214 7.56 -18.89 -15.62
CA GLN B 214 7.18 -20.02 -16.47
C GLN B 214 8.14 -21.15 -16.34
N ASP B 215 9.45 -20.85 -16.33
CA ASP B 215 10.45 -21.89 -16.16
C ASP B 215 10.40 -22.43 -14.70
N LEU B 216 10.22 -21.55 -13.73
CA LEU B 216 10.12 -21.97 -12.35
C LEU B 216 8.85 -22.81 -12.09
N ASP B 217 7.79 -22.56 -12.86
CA ASP B 217 6.50 -23.23 -12.66
C ASP B 217 5.95 -23.03 -11.22
N CYS B 218 6.39 -21.98 -10.55
CA CYS B 218 5.82 -21.61 -9.27
C CYS B 218 4.35 -21.15 -9.41
N ASP B 219 3.51 -21.43 -8.41
CA ASP B 219 2.08 -21.11 -8.48
C ASP B 219 1.83 -19.68 -8.04
N PHE B 220 2.62 -19.19 -7.09
CA PHE B 220 2.58 -17.80 -6.65
C PHE B 220 4.01 -17.31 -6.43
N PHE B 221 4.18 -16.02 -6.70
CA PHE B 221 5.47 -15.41 -6.58
C PHE B 221 5.24 -14.01 -6.05
N ALA B 222 5.93 -13.63 -4.98
CA ALA B 222 5.78 -12.32 -4.34
C ALA B 222 7.10 -11.53 -4.44
N LEU B 223 7.04 -10.19 -4.59
CA LEU B 223 8.26 -9.38 -4.66
C LEU B 223 7.91 -7.94 -4.21
N SER B 224 8.94 -7.21 -3.81
CA SER B 224 8.77 -5.87 -3.27
C SER B 224 9.60 -4.85 -4.12
N SER B 225 8.97 -3.77 -4.54
CA SER B 225 9.64 -2.74 -5.33
C SER B 225 10.81 -2.09 -4.58
N HIS B 226 10.65 -1.84 -3.29
CA HIS B 226 11.68 -1.06 -2.54
C HIS B 226 13.04 -1.74 -2.46
N LYS B 227 13.08 -3.04 -2.76
CA LYS B 227 14.38 -3.77 -2.73
C LYS B 227 15.08 -3.83 -4.08
N MET B 228 14.40 -3.38 -5.14
CA MET B 228 14.89 -3.48 -6.50
C MET B 228 14.97 -2.12 -7.15
N CYS B 229 15.49 -1.14 -6.39
CA CYS B 229 15.63 0.24 -6.87
C CYS B 229 14.33 0.94 -7.20
N GLY B 230 13.19 0.38 -6.72
CA GLY B 230 11.88 0.99 -6.89
C GLY B 230 11.38 1.78 -5.69
N PRO B 231 10.28 2.54 -5.86
CA PRO B 231 9.62 3.23 -4.74
C PRO B 231 9.15 2.32 -3.62
N THR B 232 9.05 2.89 -2.41
CA THR B 232 8.48 2.12 -1.28
C THR B 232 6.96 1.94 -1.47
N GLY B 233 6.38 0.95 -0.76
CA GLY B 233 4.91 0.87 -0.72
C GLY B 233 4.28 0.14 -1.91
N VAL B 234 5.08 -0.46 -2.78
CA VAL B 234 4.49 -1.23 -3.86
C VAL B 234 5.15 -2.55 -4.03
N GLY B 235 4.40 -3.52 -4.51
CA GLY B 235 4.98 -4.80 -4.80
C GLY B 235 4.08 -5.54 -5.75
N VAL B 236 4.37 -6.82 -5.95
CA VAL B 236 3.63 -7.57 -6.95
C VAL B 236 3.24 -8.96 -6.30
N LEU B 237 2.02 -9.42 -6.60
CA LEU B 237 1.65 -10.79 -6.47
C LEU B 237 1.47 -11.33 -7.85
N TYR B 238 2.25 -12.36 -8.21
CA TYR B 238 1.96 -13.15 -9.43
C TYR B 238 1.27 -14.40 -8.98
N GLY B 239 0.25 -14.85 -9.71
CA GLY B 239 -0.35 -16.16 -9.46
C GLY B 239 -0.80 -16.76 -10.78
N LYS B 240 -0.74 -18.07 -10.94
CA LYS B 240 -1.23 -18.66 -12.21
C LYS B 240 -2.68 -18.28 -12.33
N LYS B 241 -3.05 -17.88 -13.54
CA LYS B 241 -4.37 -17.41 -13.86
C LYS B 241 -5.47 -18.35 -13.35
N ALA B 242 -5.35 -19.66 -13.59
CA ALA B 242 -6.35 -20.65 -13.15
C ALA B 242 -6.57 -20.61 -11.63
N LEU B 243 -5.54 -20.31 -10.86
CA LEU B 243 -5.71 -20.25 -9.43
C LEU B 243 -6.38 -18.93 -9.02
N LEU B 244 -5.91 -17.80 -9.59
CA LEU B 244 -6.51 -16.48 -9.36
C LEU B 244 -8.01 -16.43 -9.72
N GLU B 245 -8.41 -17.13 -10.78
CA GLU B 245 -9.82 -17.19 -11.21
C GLU B 245 -10.74 -17.69 -10.08
N ASN B 246 -10.25 -18.67 -9.28
CA ASN B 246 -11.08 -19.29 -8.29
C ASN B 246 -10.82 -18.80 -6.89
N MET B 247 -9.95 -17.81 -6.70
CA MET B 247 -9.77 -17.19 -5.41
C MET B 247 -10.68 -15.97 -5.29
N GLU B 248 -11.34 -15.81 -4.16
CA GLU B 248 -12.07 -14.64 -3.86
C GLU B 248 -11.06 -13.46 -3.63
N PRO B 249 -11.48 -12.19 -3.90
CA PRO B 249 -10.62 -11.03 -3.51
C PRO B 249 -10.28 -11.05 -2.00
N ALA B 250 -9.14 -10.50 -1.63
CA ALA B 250 -8.80 -10.28 -0.24
C ALA B 250 -9.38 -8.98 0.34
N GLU B 251 -9.73 -8.01 -0.48
CA GLU B 251 -10.23 -6.69 -0.08
C GLU B 251 -11.34 -6.32 -1.04
N PHE B 252 -12.27 -5.50 -0.62
CA PHE B 252 -13.42 -5.20 -1.40
C PHE B 252 -13.61 -3.69 -1.40
N GLY B 253 -14.08 -3.13 -2.54
CA GLY B 253 -14.40 -1.70 -2.61
C GLY B 253 -14.54 -1.33 -4.06
N GLY B 254 -14.29 -0.04 -4.37
CA GLY B 254 -14.37 0.48 -5.74
C GLY B 254 -13.29 -0.21 -6.56
N GLU B 255 -13.39 -0.06 -7.86
CA GLU B 255 -12.36 -0.52 -8.84
C GLU B 255 -12.31 -2.02 -9.01
N MET B 256 -12.64 -2.80 -7.97
CA MET B 256 -12.53 -4.27 -8.13
C MET B 256 -13.89 -4.84 -8.47
N ILE B 257 -14.92 -4.00 -8.57
CA ILE B 257 -16.31 -4.49 -8.80
C ILE B 257 -16.73 -4.20 -10.23
N ASP B 258 -17.67 -5.01 -10.67
CA ASP B 258 -18.36 -4.85 -11.92
C ASP B 258 -19.78 -4.35 -11.67
N PHE B 259 -20.61 -5.08 -10.92
CA PHE B 259 -22.00 -4.71 -10.64
C PHE B 259 -22.16 -4.65 -9.12
N VAL B 260 -22.80 -3.58 -8.61
CA VAL B 260 -23.06 -3.49 -7.16
C VAL B 260 -24.53 -3.31 -6.94
N GLY B 261 -25.16 -4.33 -6.35
CA GLY B 261 -26.48 -4.20 -5.81
C GLY B 261 -26.38 -3.91 -4.31
N LEU B 262 -27.54 -3.74 -3.65
CA LEU B 262 -27.56 -3.41 -2.21
C LEU B 262 -26.92 -4.50 -1.33
N TYR B 263 -27.15 -5.77 -1.67
CA TYR B 263 -26.71 -6.90 -0.83
C TYR B 263 -25.62 -7.77 -1.46
N GLU B 264 -25.56 -7.77 -2.81
CA GLU B 264 -24.61 -8.58 -3.59
C GLU B 264 -23.90 -7.80 -4.69
N SER B 265 -22.69 -8.27 -4.99
CA SER B 265 -21.87 -7.65 -6.00
C SER B 265 -21.12 -8.68 -6.82
N THR B 266 -20.80 -8.33 -8.08
CA THR B 266 -19.89 -9.13 -8.88
C THR B 266 -18.51 -8.45 -8.99
N TRP B 267 -17.46 -9.26 -9.13
CA TRP B 267 -16.09 -8.80 -9.23
C TRP B 267 -15.72 -8.53 -10.71
N LYS B 268 -14.86 -7.53 -10.96
CA LYS B 268 -14.14 -7.35 -12.24
C LYS B 268 -13.31 -8.56 -12.58
N GLU B 269 -13.06 -8.77 -13.86
CA GLU B 269 -12.14 -9.76 -14.32
C GLU B 269 -10.69 -9.52 -13.78
N LEU B 270 -9.85 -10.52 -13.88
CA LEU B 270 -8.45 -10.40 -13.51
C LEU B 270 -7.78 -9.40 -14.47
N PRO B 271 -6.78 -8.61 -14.01
CA PRO B 271 -6.25 -8.72 -12.64
C PRO B 271 -6.97 -7.77 -11.67
N TRP B 272 -7.85 -6.91 -12.19
CA TRP B 272 -8.48 -5.83 -11.39
C TRP B 272 -9.33 -6.38 -10.22
N LYS B 273 -9.80 -7.63 -10.33
CA LYS B 273 -10.40 -8.37 -9.25
C LYS B 273 -9.71 -8.12 -7.91
N PHE B 274 -8.37 -8.08 -7.91
CA PHE B 274 -7.58 -8.00 -6.71
C PHE B 274 -7.05 -6.63 -6.36
N GLU B 275 -7.54 -5.61 -7.00
CA GLU B 275 -7.04 -4.24 -6.77
C GLU B 275 -8.21 -3.34 -6.32
N ALA B 276 -8.49 -3.32 -5.03
CA ALA B 276 -9.56 -2.54 -4.48
C ALA B 276 -9.10 -1.09 -4.30
N GLY B 277 -9.93 -0.13 -4.63
CA GLY B 277 -9.67 1.26 -4.23
C GLY B 277 -8.72 1.99 -5.16
N THR B 278 -8.51 3.27 -4.99
CA THR B 278 -7.53 3.98 -5.84
C THR B 278 -6.16 3.27 -5.72
N PRO B 279 -5.58 2.83 -6.85
CA PRO B 279 -4.37 2.05 -6.72
C PRO B 279 -3.10 2.90 -6.42
N ILE B 280 -1.95 2.20 -6.28
CA ILE B 280 -0.64 2.83 -6.01
C ILE B 280 -0.10 3.39 -7.30
N ILE B 281 -0.64 4.50 -7.76
CA ILE B 281 -0.43 4.87 -9.16
C ILE B 281 1.06 5.26 -9.38
N ALA B 282 1.56 6.21 -8.60
CA ALA B 282 2.92 6.67 -8.90
C ALA B 282 3.91 5.53 -8.58
N GLY B 283 3.68 4.79 -7.49
CA GLY B 283 4.62 3.68 -7.12
C GLY B 283 4.71 2.62 -8.18
N ALA B 284 3.58 2.20 -8.70
CA ALA B 284 3.56 1.21 -9.80
C ALA B 284 4.29 1.78 -11.02
N ILE B 285 4.03 3.02 -11.43
CA ILE B 285 4.79 3.59 -12.57
C ILE B 285 6.29 3.63 -12.30
N GLY B 286 6.65 3.92 -11.06
CA GLY B 286 8.07 4.04 -10.68
C GLY B 286 8.76 2.68 -10.61
N LEU B 287 8.00 1.63 -10.22
CA LEU B 287 8.44 0.22 -10.23
C LEU B 287 8.72 -0.13 -11.71
N GLY B 288 7.84 0.32 -12.61
CA GLY B 288 8.09 0.04 -14.01
C GLY B 288 9.39 0.69 -14.49
N ALA B 289 9.64 1.92 -14.03
CA ALA B 289 10.90 2.62 -14.40
C ALA B 289 12.10 1.88 -13.79
N ALA B 290 11.93 1.36 -12.57
CA ALA B 290 13.07 0.58 -11.98
C ALA B 290 13.37 -0.68 -12.78
N ILE B 291 12.30 -1.34 -13.22
CA ILE B 291 12.49 -2.45 -14.13
C ILE B 291 13.19 -2.06 -15.41
N ASP B 292 12.79 -0.96 -16.05
CA ASP B 292 13.50 -0.58 -17.27
C ASP B 292 15.02 -0.38 -17.00
N PHE B 293 15.33 0.24 -15.86
CA PHE B 293 16.69 0.61 -15.51
C PHE B 293 17.49 -0.68 -15.31
N LEU B 294 16.92 -1.61 -14.53
CA LEU B 294 17.60 -2.85 -14.24
C LEU B 294 17.77 -3.71 -15.52
N GLU B 295 16.75 -3.72 -16.39
CA GLU B 295 16.84 -4.51 -17.61
C GLU B 295 17.92 -3.93 -18.56
N GLU B 296 18.03 -2.60 -18.62
CA GLU B 296 19.03 -2.02 -19.47
C GLU B 296 20.43 -2.44 -18.98
N ILE B 297 20.64 -2.47 -17.67
CA ILE B 297 21.94 -2.93 -17.19
C ILE B 297 22.09 -4.45 -17.46
N GLY B 298 21.01 -5.21 -17.22
CA GLY B 298 20.92 -6.66 -17.40
C GLY B 298 21.04 -7.37 -16.06
N LEU B 299 20.03 -8.19 -15.72
CA LEU B 299 20.07 -8.89 -14.46
C LEU B 299 21.18 -9.96 -14.38
N ASP B 300 21.57 -10.56 -15.49
CA ASP B 300 22.64 -11.48 -15.45
C ASP B 300 23.94 -10.76 -15.10
N GLU B 301 24.11 -9.57 -15.66
CA GLU B 301 25.24 -8.71 -15.27
C GLU B 301 25.22 -8.27 -13.79
N ILE B 302 24.02 -8.02 -13.25
CA ILE B 302 23.94 -7.65 -11.87
C ILE B 302 24.33 -8.81 -10.97
N SER B 303 23.92 -10.00 -11.39
CA SER B 303 24.18 -11.22 -10.69
C SER B 303 25.67 -11.49 -10.68
N ARG B 304 26.30 -11.38 -11.84
CA ARG B 304 27.75 -11.59 -11.95
C ARG B 304 28.53 -10.60 -11.03
N HIS B 305 28.10 -9.33 -11.01
CA HIS B 305 28.74 -8.37 -10.18
C HIS B 305 28.65 -8.75 -8.68
N GLU B 306 27.46 -9.16 -8.23
CA GLU B 306 27.27 -9.52 -6.86
C GLU B 306 28.03 -10.82 -6.51
N HIS B 307 28.13 -11.75 -7.44
CA HIS B 307 28.90 -12.99 -7.16
C HIS B 307 30.37 -12.64 -6.96
N LYS B 308 30.89 -11.75 -7.79
CA LYS B 308 32.25 -11.30 -7.63
C LYS B 308 32.43 -10.61 -6.25
N LEU B 309 31.51 -9.76 -5.86
CA LEU B 309 31.60 -9.12 -4.52
C LEU B 309 31.44 -10.10 -3.37
N ALA B 310 30.54 -11.05 -3.52
CA ALA B 310 30.36 -12.10 -2.51
C ALA B 310 31.63 -12.96 -2.34
N ALA B 311 32.25 -13.43 -3.43
CA ALA B 311 33.52 -14.16 -3.37
C ALA B 311 34.63 -13.31 -2.68
N TYR B 312 34.72 -12.02 -3.08
CA TYR B 312 35.77 -11.17 -2.58
C TYR B 312 35.58 -10.98 -1.07
N ALA B 313 34.34 -10.73 -0.69
CA ALA B 313 33.97 -10.53 0.70
C ALA B 313 34.30 -11.78 1.54
N LEU B 314 33.90 -12.95 1.02
CA LEU B 314 34.12 -14.22 1.71
C LEU B 314 35.60 -14.48 1.99
N GLU B 315 36.41 -14.33 0.94
CA GLU B 315 37.86 -14.51 1.02
C GLU B 315 38.50 -13.60 2.03
N ARG B 316 38.10 -12.34 2.00
CA ARG B 316 38.63 -11.35 2.91
C ARG B 316 38.14 -11.65 4.33
N PHE B 317 36.96 -12.22 4.44
CA PHE B 317 36.42 -12.54 5.77
C PHE B 317 37.10 -13.77 6.39
N ARG B 318 37.52 -14.75 5.59
CA ARG B 318 38.28 -15.88 6.10
C ARG B 318 39.70 -15.52 6.61
N GLN B 319 40.25 -14.42 6.09
CA GLN B 319 41.51 -13.86 6.59
C GLN B 319 41.37 -13.06 7.86
N LEU B 320 40.12 -12.92 8.29
CA LEU B 320 39.80 -12.30 9.57
C LEU B 320 39.48 -13.39 10.55
N ASP B 321 40.34 -13.53 11.56
CA ASP B 321 40.06 -14.47 12.65
C ASP B 321 39.05 -13.79 13.56
N GLY B 322 38.34 -14.64 14.28
CA GLY B 322 37.31 -14.17 15.16
C GLY B 322 36.11 -13.62 14.44
N VAL B 323 35.84 -14.05 13.21
CA VAL B 323 34.58 -13.73 12.52
C VAL B 323 33.98 -15.00 11.95
N THR B 324 32.77 -15.26 12.40
CA THR B 324 32.00 -16.37 11.89
C THR B 324 31.02 -15.80 10.84
N VAL B 325 31.10 -16.38 9.63
CA VAL B 325 30.12 -16.13 8.56
C VAL B 325 29.09 -17.27 8.53
N TYR B 326 27.81 -17.02 8.39
CA TYR B 326 26.79 -18.08 8.35
C TYR B 326 26.36 -18.32 6.91
N GLY B 327 26.12 -19.59 6.60
CA GLY B 327 25.70 -20.00 5.27
C GLY B 327 26.73 -20.55 4.36
N PRO B 328 26.31 -21.05 3.20
CA PRO B 328 27.21 -21.72 2.27
C PRO B 328 28.11 -20.75 1.46
N GLU B 329 29.06 -21.34 0.73
CA GLU B 329 30.00 -20.66 -0.13
C GLU B 329 29.36 -19.93 -1.29
N GLU B 330 28.56 -20.66 -2.07
CA GLU B 330 27.88 -20.13 -3.23
C GLU B 330 26.61 -19.42 -2.74
N ARG B 331 26.48 -18.12 -2.99
CA ARG B 331 25.48 -17.34 -2.29
C ARG B 331 25.08 -16.08 -3.08
N ALA B 332 24.10 -15.36 -2.59
CA ALA B 332 23.78 -14.10 -3.17
C ALA B 332 24.71 -13.09 -2.50
N GLY B 333 24.44 -11.80 -2.80
CA GLY B 333 25.30 -10.68 -2.51
C GLY B 333 25.05 -10.17 -1.12
N LEU B 334 25.33 -11.00 -0.12
CA LEU B 334 25.21 -10.62 1.28
C LEU B 334 26.06 -11.56 2.14
N VAL B 335 26.45 -11.06 3.33
CA VAL B 335 27.12 -11.87 4.34
C VAL B 335 26.58 -11.51 5.71
N THR B 336 26.10 -12.52 6.43
CA THR B 336 25.65 -12.32 7.82
C THR B 336 26.73 -13.00 8.69
N PHE B 337 27.13 -12.29 9.74
CA PHE B 337 28.29 -12.65 10.49
C PHE B 337 28.20 -12.22 11.96
N ASN B 338 29.12 -12.73 12.75
CA ASN B 338 29.37 -12.22 14.08
C ASN B 338 30.83 -12.11 14.34
N LEU B 339 31.22 -11.07 15.07
CA LEU B 339 32.53 -11.04 15.67
C LEU B 339 32.46 -11.74 17.02
N ASP B 340 33.40 -12.67 17.30
CA ASP B 340 33.42 -13.38 18.57
C ASP B 340 33.66 -12.35 19.65
N ASP B 341 32.84 -12.47 20.69
CA ASP B 341 32.93 -11.59 21.89
C ASP B 341 32.66 -10.10 21.70
N VAL B 342 32.01 -9.71 20.60
CA VAL B 342 31.60 -8.31 20.42
C VAL B 342 30.18 -8.35 19.96
N HIS B 343 29.24 -7.83 20.78
CA HIS B 343 27.83 -7.83 20.42
C HIS B 343 27.63 -7.07 19.07
N PRO B 344 26.75 -7.57 18.19
CA PRO B 344 26.54 -6.86 16.89
C PRO B 344 26.08 -5.41 16.99
N HIS B 345 25.49 -4.98 18.12
CA HIS B 345 25.13 -3.53 18.23
C HIS B 345 26.41 -2.69 18.29
N ASP B 346 27.42 -3.17 19.04
CA ASP B 346 28.72 -2.55 19.07
C ASP B 346 29.39 -2.53 17.72
N VAL B 347 29.28 -3.65 17.01
CA VAL B 347 29.85 -3.77 15.68
C VAL B 347 29.21 -2.68 14.75
N ALA B 348 27.90 -2.54 14.82
CA ALA B 348 27.21 -1.65 13.92
C ALA B 348 27.50 -0.20 14.27
N THR B 349 27.67 0.10 15.56
CA THR B 349 28.04 1.42 16.00
C THR B 349 29.44 1.82 15.43
N VAL B 350 30.40 0.89 15.46
CA VAL B 350 31.78 1.24 15.04
C VAL B 350 31.76 1.49 13.53
N LEU B 351 31.07 0.60 12.81
CA LEU B 351 30.93 0.69 11.35
C LEU B 351 30.23 1.99 10.95
N ASP B 352 29.16 2.35 11.65
CA ASP B 352 28.45 3.58 11.32
C ASP B 352 29.27 4.82 11.66
N ALA B 353 30.15 4.72 12.65
CA ALA B 353 31.12 5.79 12.92
C ALA B 353 32.14 5.94 11.77
N GLU B 354 32.37 4.88 11.01
CA GLU B 354 33.20 4.97 9.80
C GLU B 354 32.32 5.17 8.58
N GLY B 355 31.05 5.58 8.79
CA GLY B 355 30.04 5.80 7.72
C GLY B 355 29.49 4.57 7.02
N ILE B 356 29.72 3.39 7.60
CA ILE B 356 29.30 2.13 6.97
C ILE B 356 27.97 1.68 7.55
N ALA B 357 27.00 1.41 6.68
CA ALA B 357 25.63 1.10 7.08
C ALA B 357 25.43 -0.42 6.89
N VAL B 358 25.20 -1.16 7.99
CA VAL B 358 24.85 -2.58 7.96
C VAL B 358 23.59 -2.75 8.80
N ARG B 359 23.05 -3.97 8.85
CA ARG B 359 21.93 -4.27 9.73
C ARG B 359 22.40 -5.14 10.87
N ALA B 360 21.85 -4.93 12.05
CA ALA B 360 22.07 -5.82 13.17
C ALA B 360 20.77 -6.33 13.75
N GLY B 361 20.70 -7.62 14.12
CA GLY B 361 19.53 -8.08 14.87
C GLY B 361 19.17 -9.43 14.29
N HIS B 362 17.87 -9.73 14.17
CA HIS B 362 17.40 -11.02 13.64
C HIS B 362 16.99 -11.01 12.17
N HIS B 363 17.03 -9.82 11.51
CA HIS B 363 16.68 -9.64 10.11
C HIS B 363 15.30 -10.23 9.77
N CYS B 364 14.32 -10.11 10.65
CA CYS B 364 13.02 -10.71 10.43
C CYS B 364 13.05 -12.26 10.21
N ALA B 365 14.02 -12.94 10.80
CA ALA B 365 14.10 -14.42 10.74
C ALA B 365 14.47 -14.98 12.12
N GLN B 366 13.64 -14.69 13.13
CA GLN B 366 13.93 -15.15 14.46
C GLN B 366 14.11 -16.69 14.57
N PRO B 367 13.21 -17.48 13.94
CA PRO B 367 13.49 -18.95 14.00
C PRO B 367 14.84 -19.35 13.42
N LEU B 368 15.26 -18.66 12.34
CA LEU B 368 16.58 -18.90 11.77
C LEU B 368 17.67 -18.59 12.81
N MET B 369 17.51 -17.48 13.54
CA MET B 369 18.45 -17.16 14.59
C MET B 369 18.57 -18.30 15.62
N LYS B 370 17.44 -18.85 16.07
CA LYS B 370 17.42 -19.88 17.06
C LYS B 370 18.06 -21.15 16.45
N TRP B 371 17.82 -21.43 15.16
CA TRP B 371 18.46 -22.57 14.43
C TRP B 371 19.99 -22.45 14.39
N LEU B 372 20.49 -21.20 14.25
CA LEU B 372 21.92 -20.87 14.29
C LEU B 372 22.49 -20.77 15.70
N ASP B 373 21.64 -20.80 16.74
CA ASP B 373 22.07 -20.72 18.13
C ASP B 373 22.73 -19.40 18.45
N VAL B 374 22.14 -18.35 17.93
CA VAL B 374 22.63 -17.02 18.05
C VAL B 374 21.48 -16.10 18.51
N THR B 375 21.78 -15.05 19.24
CA THR B 375 20.69 -14.12 19.66
C THR B 375 20.51 -13.05 18.54
N ALA B 376 21.64 -12.59 18.00
CA ALA B 376 21.64 -11.60 16.93
C ALA B 376 22.88 -11.68 16.09
N THR B 377 22.84 -11.00 14.97
CA THR B 377 23.88 -11.03 13.95
C THR B 377 23.99 -9.67 13.28
N ALA B 378 25.10 -9.49 12.60
CA ALA B 378 25.31 -8.35 11.72
C ALA B 378 25.26 -8.83 10.28
N ARG B 379 24.87 -7.95 9.35
CA ARG B 379 24.72 -8.35 7.94
C ARG B 379 25.10 -7.16 7.04
N ALA B 380 26.09 -7.38 6.18
CA ALA B 380 26.38 -6.57 5.06
C ALA B 380 25.79 -7.17 3.82
N SER B 381 25.13 -6.33 3.02
CA SER B 381 24.50 -6.78 1.78
C SER B 381 24.95 -5.87 0.68
N PHE B 382 25.03 -6.41 -0.51
CA PHE B 382 25.60 -5.70 -1.65
C PHE B 382 24.61 -5.62 -2.79
N TYR B 383 24.81 -4.61 -3.63
CA TYR B 383 23.97 -4.44 -4.82
C TYR B 383 24.80 -3.80 -5.93
N LEU B 384 24.16 -3.35 -7.04
CA LEU B 384 24.84 -3.11 -8.24
C LEU B 384 25.76 -1.89 -8.04
N TYR B 385 25.53 -1.08 -7.01
CA TYR B 385 26.31 0.16 -6.82
C TYR B 385 27.46 -0.03 -5.81
N ASN B 386 27.63 -1.22 -5.28
CA ASN B 386 28.70 -1.49 -4.33
C ASN B 386 29.98 -1.94 -5.01
N THR B 387 31.13 -1.66 -4.37
CA THR B 387 32.41 -1.95 -4.99
C THR B 387 33.28 -2.82 -4.08
N GLU B 388 34.35 -3.37 -4.64
CA GLU B 388 35.33 -4.02 -3.81
C GLU B 388 35.95 -3.11 -2.77
N GLU B 389 36.18 -1.83 -3.14
CA GLU B 389 36.74 -0.86 -2.19
C GLU B 389 35.88 -0.77 -0.89
N GLU B 390 34.56 -0.80 -1.04
CA GLU B 390 33.66 -0.72 0.10
C GLU B 390 33.75 -1.98 0.97
N ILE B 391 34.01 -3.13 0.33
CA ILE B 391 34.23 -4.34 1.09
C ILE B 391 35.51 -4.16 1.92
N ASP B 392 36.56 -3.58 1.33
CA ASP B 392 37.80 -3.30 2.04
C ASP B 392 37.54 -2.42 3.25
N LYS B 393 36.74 -1.38 3.07
CA LYS B 393 36.39 -0.49 4.20
C LYS B 393 35.66 -1.23 5.33
N LEU B 394 34.77 -2.14 4.96
CA LEU B 394 34.01 -2.95 5.87
C LEU B 394 34.96 -3.84 6.69
N VAL B 395 35.89 -4.49 6.00
CA VAL B 395 36.74 -5.47 6.63
C VAL B 395 37.70 -4.74 7.55
N GLU B 396 38.23 -3.61 7.09
CA GLU B 396 39.15 -2.79 7.91
C GLU B 396 38.45 -2.26 9.14
N ALA B 397 37.19 -1.90 9.01
CA ALA B 397 36.41 -1.44 10.17
C ALA B 397 36.12 -2.60 11.13
N LEU B 398 35.84 -3.78 10.61
CA LEU B 398 35.72 -4.96 11.49
C LEU B 398 37.03 -5.21 12.26
N GLN B 399 38.18 -5.03 11.61
CA GLN B 399 39.48 -5.23 12.25
C GLN B 399 39.66 -4.19 13.36
N LYS B 400 39.34 -2.94 13.06
CA LYS B 400 39.33 -1.88 14.07
C LYS B 400 38.38 -2.19 15.24
N THR B 401 37.20 -2.73 14.95
CA THR B 401 36.25 -3.16 15.99
C THR B 401 36.88 -4.22 16.91
N LYS B 402 37.50 -5.24 16.30
CA LYS B 402 38.21 -6.30 17.01
C LYS B 402 39.20 -5.71 17.99
N GLU B 403 40.10 -4.88 17.45
CA GLU B 403 41.20 -4.29 18.22
C GLU B 403 40.68 -3.32 19.25
N TYR B 404 39.64 -2.58 18.89
CA TYR B 404 38.99 -1.63 19.78
C TYR B 404 38.43 -2.29 21.05
N PHE B 405 37.76 -3.42 20.93
CA PHE B 405 37.19 -4.06 22.14
C PHE B 405 38.11 -5.00 22.88
N THR B 406 39.20 -5.41 22.23
CA THR B 406 40.16 -6.30 22.88
C THR B 406 41.55 -5.64 22.81
N ASN B 407 41.82 -4.66 23.68
CA ASN B 407 43.12 -3.90 23.66
C ASN B 407 44.31 -4.68 24.20
N MET C 4 -1.86 34.28 1.94
CA MET C 4 -1.95 33.48 0.67
C MET C 4 -3.24 33.75 -0.10
N ASN C 5 -3.00 34.35 -1.27
CA ASN C 5 -3.91 34.55 -2.32
C ASN C 5 -3.99 33.29 -3.18
N ILE C 6 -5.13 33.11 -3.85
CA ILE C 6 -5.32 32.02 -4.83
C ILE C 6 -4.22 31.87 -5.91
N THR C 7 -3.73 33.00 -6.47
CA THR C 7 -2.61 32.91 -7.41
C THR C 7 -1.31 32.28 -6.82
N ASP C 8 -0.92 32.67 -5.59
CA ASP C 8 0.17 32.08 -4.81
C ASP C 8 0.04 30.56 -4.62
N ILE C 9 -1.15 30.16 -4.22
CA ILE C 9 -1.55 28.78 -4.03
C ILE C 9 -1.41 28.01 -5.33
N ARG C 10 -1.97 28.56 -6.43
CA ARG C 10 -1.79 27.81 -7.74
C ARG C 10 -0.32 27.73 -8.17
N GLU C 11 0.47 28.71 -7.78
CA GLU C 11 1.89 28.83 -8.13
C GLU C 11 2.63 27.58 -7.60
N GLN C 12 2.20 27.04 -6.47
CA GLN C 12 2.81 25.87 -5.89
C GLN C 12 2.54 24.52 -6.60
N PHE C 13 1.60 24.46 -7.56
CA PHE C 13 1.19 23.19 -8.17
C PHE C 13 1.62 23.10 -9.63
N PRO C 14 2.82 22.53 -9.92
CA PRO C 14 3.29 22.63 -11.34
C PRO C 14 2.34 22.02 -12.37
N ILE C 15 1.55 21.01 -11.98
CA ILE C 15 0.68 20.32 -12.96
C ILE C 15 -0.38 21.29 -13.55
N LEU C 16 -0.69 22.38 -12.82
CA LEU C 16 -1.73 23.32 -13.23
C LEU C 16 -1.27 24.16 -14.41
N HIS C 17 0.01 24.39 -14.60
CA HIS C 17 0.57 25.32 -15.59
C HIS C 17 0.94 24.58 -16.87
N GLN C 18 -0.08 24.08 -17.56
CA GLN C 18 0.17 23.35 -18.82
C GLN C 18 -1.09 23.48 -19.66
N GLN C 19 -0.92 23.17 -20.94
CA GLN C 19 -1.98 23.14 -21.92
C GLN C 19 -2.44 21.71 -22.24
N VAL C 20 -3.73 21.55 -22.47
CA VAL C 20 -4.32 20.27 -22.85
C VAL C 20 -5.26 20.64 -24.00
N ASN C 21 -5.00 20.07 -25.16
CA ASN C 21 -5.72 20.38 -26.38
C ASN C 21 -5.76 21.89 -26.69
N GLY C 22 -4.60 22.53 -26.60
CA GLY C 22 -4.44 23.98 -26.90
C GLY C 22 -5.16 24.89 -25.87
N HIS C 23 -5.60 24.39 -24.71
CA HIS C 23 -6.27 25.23 -23.73
C HIS C 23 -5.55 25.14 -22.39
N ASP C 24 -5.66 26.16 -21.52
CA ASP C 24 -5.17 25.96 -20.16
C ASP C 24 -5.92 24.77 -19.56
N LEU C 25 -5.18 23.90 -18.90
CA LEU C 25 -5.78 22.83 -18.11
C LEU C 25 -6.79 23.47 -17.19
N VAL C 26 -7.98 22.89 -17.12
CA VAL C 26 -8.94 23.26 -16.09
C VAL C 26 -9.28 22.00 -15.32
N TYR C 27 -8.54 21.77 -14.25
CA TYR C 27 -8.69 20.52 -13.52
C TYR C 27 -9.83 20.58 -12.50
N LEU C 28 -10.97 19.94 -12.77
CA LEU C 28 -12.08 19.95 -11.86
C LEU C 28 -12.46 18.52 -11.44
N ASP C 29 -11.42 17.74 -11.09
CA ASP C 29 -11.65 16.38 -10.75
C ASP C 29 -10.94 16.02 -9.46
N SER C 30 -10.87 16.99 -8.55
CA SER C 30 -10.19 16.80 -7.28
C SER C 30 -10.86 15.72 -6.40
N ALA C 31 -12.17 15.53 -6.59
CA ALA C 31 -12.87 14.47 -5.85
C ALA C 31 -12.48 13.07 -6.28
N ALA C 32 -11.94 12.93 -7.49
CA ALA C 32 -11.33 11.66 -7.90
C ALA C 32 -9.91 11.59 -7.36
N THR C 33 -9.11 12.65 -7.58
CA THR C 33 -7.80 12.79 -6.92
C THR C 33 -7.30 14.20 -6.99
N SER C 34 -6.47 14.56 -6.01
CA SER C 34 -5.97 15.92 -5.89
C SER C 34 -4.59 16.01 -6.47
N GLN C 35 -4.21 17.24 -6.85
CA GLN C 35 -2.85 17.50 -7.32
C GLN C 35 -1.96 17.90 -6.16
N LYS C 36 -0.65 17.93 -6.39
CA LYS C 36 0.28 18.05 -5.30
C LYS C 36 1.09 19.36 -5.41
N PRO C 37 1.32 20.01 -4.26
CA PRO C 37 2.21 21.16 -4.28
C PRO C 37 3.68 20.74 -4.37
N ARG C 38 4.57 21.67 -4.74
CA ARG C 38 6.01 21.48 -4.76
C ARG C 38 6.54 20.96 -3.42
N ALA C 39 5.95 21.41 -2.30
CA ALA C 39 6.37 21.10 -1.01
C ALA C 39 6.27 19.53 -0.86
N VAL C 40 5.22 18.89 -1.37
CA VAL C 40 5.07 17.47 -1.22
C VAL C 40 6.02 16.72 -2.15
N ILE C 41 6.07 17.11 -3.44
CA ILE C 41 6.90 16.39 -4.41
C ILE C 41 8.40 16.44 -3.98
N GLU C 42 8.81 17.61 -3.50
CA GLU C 42 10.20 17.82 -3.02
C GLU C 42 10.46 17.02 -1.73
N THR C 43 9.41 16.76 -0.95
CA THR C 43 9.51 15.91 0.17
C THR C 43 9.91 14.49 -0.28
N LEU C 44 9.24 13.99 -1.30
CA LEU C 44 9.56 12.68 -1.93
C LEU C 44 10.99 12.68 -2.49
N ASP C 45 11.34 13.74 -3.23
CA ASP C 45 12.66 13.90 -3.79
C ASP C 45 13.74 13.79 -2.73
N LYS C 46 13.57 14.54 -1.65
CA LYS C 46 14.61 14.71 -0.66
C LYS C 46 14.72 13.35 0.12
N TYR C 47 13.60 12.65 0.30
CA TYR C 47 13.61 11.36 0.91
C TYR C 47 14.49 10.40 0.08
N TYR C 48 14.17 10.26 -1.21
CA TYR C 48 14.96 9.39 -2.07
C TYR C 48 16.36 9.87 -2.37
N ASN C 49 16.62 11.18 -2.25
CA ASN C 49 17.95 11.69 -2.57
C ASN C 49 18.88 11.65 -1.34
N GLN C 50 18.33 11.72 -0.15
CA GLN C 50 19.18 11.96 1.00
C GLN C 50 19.12 10.91 2.13
N TYR C 51 17.96 10.28 2.42
CA TYR C 51 17.88 9.42 3.66
C TYR C 51 16.98 8.22 3.56
N ASN C 52 16.69 7.74 2.37
CA ASN C 52 15.97 6.48 2.24
C ASN C 52 16.79 5.38 2.93
N SER C 53 16.10 4.59 3.74
CA SER C 53 16.66 3.41 4.53
C SER C 53 15.48 2.77 5.20
N ASN C 54 15.67 1.51 5.69
CA ASN C 54 14.53 0.86 6.33
C ASN C 54 14.25 1.56 7.66
N VAL C 55 13.04 1.39 8.16
CA VAL C 55 12.64 2.12 9.36
C VAL C 55 12.51 1.20 10.53
N HIS C 56 12.68 1.78 11.71
CA HIS C 56 12.52 1.08 12.99
C HIS C 56 13.79 0.34 13.47
N ARG C 57 13.91 -0.95 13.31
CA ARG C 57 14.94 -1.67 14.14
C ARG C 57 16.22 -1.44 13.40
N GLY C 58 17.08 -0.57 13.92
CA GLY C 58 17.93 0.25 13.02
C GLY C 58 19.15 0.72 13.76
N VAL C 59 20.20 0.93 13.00
CA VAL C 59 21.52 1.02 13.63
C VAL C 59 22.39 2.00 12.85
N HIS C 60 22.00 2.33 11.63
CA HIS C 60 22.80 3.33 10.94
C HIS C 60 22.10 4.71 10.81
N THR C 61 22.91 5.72 10.53
CA THR C 61 22.46 7.11 10.52
C THR C 61 21.23 7.37 9.59
N LEU C 62 21.27 6.87 8.36
CA LEU C 62 20.17 7.17 7.47
C LEU C 62 18.95 6.46 7.97
N GLY C 63 19.11 5.23 8.52
CA GLY C 63 17.96 4.54 9.15
C GLY C 63 17.27 5.34 10.25
N THR C 64 18.06 5.93 11.14
CA THR C 64 17.52 6.87 12.10
C THR C 64 16.68 8.04 11.46
N ARG C 65 17.24 8.68 10.44
CA ARG C 65 16.55 9.83 9.79
C ARG C 65 15.23 9.36 9.13
N ALA C 66 15.28 8.20 8.45
CA ALA C 66 14.10 7.65 7.83
C ALA C 66 13.01 7.34 8.85
N THR C 67 13.40 6.76 9.99
CA THR C 67 12.48 6.37 11.04
C THR C 67 11.87 7.59 11.71
N ASP C 68 12.72 8.54 12.11
CA ASP C 68 12.23 9.81 12.63
C ASP C 68 11.24 10.46 11.60
N GLY C 69 11.51 10.36 10.29
CA GLY C 69 10.57 10.96 9.33
C GLY C 69 9.21 10.24 9.36
N TYR C 70 9.22 8.89 9.29
CA TYR C 70 8.00 8.10 9.25
C TYR C 70 7.16 8.34 10.51
N GLU C 71 7.76 8.17 11.71
CA GLU C 71 7.06 8.34 12.98
C GLU C 71 6.65 9.79 13.20
N GLY C 72 7.46 10.76 12.73
CA GLY C 72 7.11 12.26 12.84
C GLY C 72 5.87 12.48 11.96
N ALA C 73 5.75 11.76 10.84
CA ALA C 73 4.55 11.92 10.03
C ALA C 73 3.31 11.34 10.79
N ARG C 74 3.53 10.21 11.51
CA ARG C 74 2.41 9.72 12.29
C ARG C 74 1.88 10.76 13.27
N GLU C 75 2.80 11.44 13.93
CA GLU C 75 2.44 12.43 14.90
C GLU C 75 1.70 13.63 14.20
N LYS C 76 2.12 13.99 12.98
CA LYS C 76 1.43 15.06 12.31
C LYS C 76 0.00 14.63 12.00
N VAL C 77 -0.22 13.38 11.57
CA VAL C 77 -1.59 12.90 11.32
C VAL C 77 -2.44 12.93 12.62
N ARG C 78 -1.86 12.48 13.74
CA ARG C 78 -2.61 12.47 14.98
C ARG C 78 -3.08 13.87 15.32
N LYS C 79 -2.19 14.85 15.22
CA LYS C 79 -2.55 16.20 15.59
C LYS C 79 -3.57 16.72 14.55
N PHE C 80 -3.32 16.45 13.27
CA PHE C 80 -4.21 16.87 12.22
C PHE C 80 -5.68 16.54 12.50
N ILE C 81 -5.98 15.31 12.93
CA ILE C 81 -7.36 14.84 13.12
C ILE C 81 -7.74 14.81 14.61
N ASN C 82 -6.86 15.34 15.45
CA ASN C 82 -7.08 15.43 16.89
C ASN C 82 -7.39 14.07 17.58
N ALA C 83 -6.68 13.01 17.19
CA ALA C 83 -6.65 11.77 17.95
C ALA C 83 -5.86 11.94 19.30
N LYS C 84 -6.32 11.27 20.33
CA LYS C 84 -5.63 11.32 21.60
C LYS C 84 -4.19 10.80 21.52
N SER C 85 -3.93 9.86 20.65
CA SER C 85 -2.73 9.07 20.82
C SER C 85 -2.25 8.53 19.51
N MET C 86 -0.94 8.42 19.44
CA MET C 86 -0.27 7.84 18.27
C MET C 86 -0.63 6.38 18.08
N ALA C 87 -0.92 5.72 19.19
CA ALA C 87 -1.43 4.35 19.16
C ALA C 87 -2.66 4.17 18.27
N GLU C 88 -3.38 5.24 18.00
CA GLU C 88 -4.66 5.20 17.36
C GLU C 88 -4.56 5.60 15.90
N ILE C 89 -3.34 5.91 15.39
CA ILE C 89 -3.12 6.25 14.04
C ILE C 89 -2.37 5.12 13.30
N ILE C 90 -3.00 4.50 12.29
CA ILE C 90 -2.40 3.46 11.53
C ILE C 90 -2.27 3.92 10.08
N PHE C 91 -1.07 3.83 9.54
CA PHE C 91 -0.82 4.01 8.14
C PHE C 91 -1.23 2.80 7.31
N THR C 92 -2.05 3.04 6.29
CA THR C 92 -2.53 1.96 5.46
C THR C 92 -2.30 2.43 4.00
N LYS C 93 -2.69 1.62 3.05
CA LYS C 93 -2.65 1.86 1.65
C LYS C 93 -3.72 2.91 1.22
N GLY C 94 -4.80 3.13 1.97
CA GLY C 94 -5.86 4.11 1.59
C GLY C 94 -7.18 3.84 2.31
N THR C 95 -8.16 4.64 2.04
CA THR C 95 -9.43 4.52 2.72
C THR C 95 -10.06 3.15 2.51
N THR C 96 -9.96 2.59 1.31
CA THR C 96 -10.50 1.30 1.02
C THR C 96 -9.88 0.26 1.93
N THR C 97 -8.54 0.25 2.05
CA THR C 97 -7.86 -0.70 2.94
C THR C 97 -8.28 -0.50 4.35
N SER C 98 -8.35 0.78 4.76
CA SER C 98 -8.74 1.07 6.11
C SER C 98 -10.11 0.46 6.47
N LEU C 99 -11.10 0.70 5.57
CA LEU C 99 -12.44 0.25 5.79
C LEU C 99 -12.47 -1.35 5.81
N ASN C 100 -11.66 -1.95 4.93
CA ASN C 100 -11.53 -3.38 4.88
C ASN C 100 -10.93 -3.96 6.19
N MET C 101 -9.96 -3.24 6.74
CA MET C 101 -9.36 -3.69 7.98
C MET C 101 -10.46 -3.74 9.08
N VAL C 102 -11.31 -2.71 9.13
CA VAL C 102 -12.38 -2.71 10.10
C VAL C 102 -13.36 -3.86 9.86
N ALA C 103 -13.72 -4.10 8.62
CA ALA C 103 -14.62 -5.18 8.32
C ALA C 103 -14.02 -6.56 8.63
N LEU C 104 -12.72 -6.76 8.32
CA LEU C 104 -12.02 -8.03 8.55
C LEU C 104 -11.76 -8.24 10.06
N SER C 105 -11.16 -7.29 10.74
CA SER C 105 -10.75 -7.53 12.14
C SER C 105 -11.82 -7.18 13.18
N TYR C 106 -12.64 -6.16 12.95
CA TYR C 106 -13.69 -5.81 13.91
C TYR C 106 -15.01 -6.53 13.60
N ALA C 107 -15.54 -6.35 12.39
CA ALA C 107 -16.88 -6.81 12.04
C ALA C 107 -17.02 -8.34 12.14
N ARG C 108 -16.03 -9.07 11.67
CA ARG C 108 -16.15 -10.51 11.68
C ARG C 108 -15.97 -11.12 13.08
N ALA C 109 -15.45 -10.34 14.05
CA ALA C 109 -15.37 -10.77 15.43
C ALA C 109 -16.54 -10.25 16.27
N ASN C 110 -17.41 -9.42 15.70
CA ASN C 110 -18.52 -8.87 16.48
C ASN C 110 -19.90 -9.02 15.82
N LEU C 111 -20.01 -9.92 14.86
CA LEU C 111 -21.30 -10.12 14.20
C LEU C 111 -21.73 -11.58 14.38
N LYS C 112 -22.96 -11.77 14.83
CA LYS C 112 -23.63 -13.08 14.86
C LYS C 112 -24.94 -12.95 14.11
N PRO C 113 -25.62 -14.07 13.84
CA PRO C 113 -26.97 -13.94 13.35
C PRO C 113 -27.86 -13.08 14.26
N GLY C 114 -28.67 -12.23 13.63
CA GLY C 114 -29.52 -11.28 14.33
C GLY C 114 -28.94 -9.88 14.37
N ASP C 115 -27.61 -9.76 14.32
CA ASP C 115 -26.96 -8.48 14.36
C ASP C 115 -27.14 -7.76 13.01
N GLU C 116 -27.00 -6.43 13.07
CA GLU C 116 -27.19 -5.60 11.87
C GLU C 116 -26.00 -4.69 11.64
N VAL C 117 -25.61 -4.55 10.38
CA VAL C 117 -24.72 -3.48 9.96
C VAL C 117 -25.63 -2.46 9.22
N VAL C 118 -25.52 -1.21 9.61
CA VAL C 118 -26.38 -0.15 9.04
C VAL C 118 -25.53 0.82 8.22
N ILE C 119 -25.81 0.88 6.91
CA ILE C 119 -25.20 1.85 6.03
C ILE C 119 -26.23 2.82 5.38
N THR C 120 -25.83 3.51 4.31
CA THR C 120 -26.70 4.43 3.57
C THR C 120 -26.67 4.16 2.11
N TYR C 121 -27.69 4.63 1.40
CA TYR C 121 -27.74 4.56 -0.07
C TYR C 121 -26.66 5.43 -0.76
N MET C 122 -26.18 6.46 -0.11
CA MET C 122 -25.21 7.35 -0.75
C MET C 122 -23.77 6.86 -0.57
N GLU C 123 -23.55 5.69 0.01
CA GLU C 123 -22.19 5.27 0.34
C GLU C 123 -21.35 5.00 -0.92
N HIS C 124 -20.09 5.38 -0.89
CA HIS C 124 -19.10 4.95 -1.90
C HIS C 124 -18.93 3.39 -1.75
N HIS C 125 -18.65 2.71 -2.86
CA HIS C 125 -18.36 1.29 -2.89
C HIS C 125 -17.38 0.79 -1.81
N ALA C 126 -16.35 1.55 -1.50
CA ALA C 126 -15.41 1.22 -0.44
C ALA C 126 -16.15 0.99 0.86
N ASN C 127 -17.22 1.74 1.09
CA ASN C 127 -17.98 1.68 2.36
C ASN C 127 -19.26 0.89 2.16
N ILE C 128 -19.34 0.04 1.14
CA ILE C 128 -20.45 -0.88 0.94
C ILE C 128 -20.00 -2.36 0.93
N ILE C 129 -19.06 -2.68 0.06
CA ILE C 129 -18.71 -4.07 -0.24
C ILE C 129 -18.11 -4.82 0.98
N PRO C 130 -17.22 -4.16 1.74
CA PRO C 130 -16.70 -4.86 2.90
C PRO C 130 -17.84 -5.30 3.85
N TRP C 131 -18.83 -4.43 4.04
CA TRP C 131 -20.00 -4.80 4.88
C TRP C 131 -20.80 -5.94 4.31
N GLN C 132 -21.03 -5.90 3.00
CA GLN C 132 -21.68 -7.00 2.27
C GLN C 132 -20.97 -8.31 2.55
N GLN C 133 -19.63 -8.30 2.51
CA GLN C 133 -18.88 -9.50 2.70
C GLN C 133 -18.91 -9.95 4.17
N ALA C 134 -18.70 -9.01 5.08
CA ALA C 134 -18.80 -9.28 6.49
C ALA C 134 -20.16 -9.91 6.93
N VAL C 135 -21.31 -9.34 6.51
CA VAL C 135 -22.63 -9.93 6.86
C VAL C 135 -22.81 -11.38 6.35
N LYS C 136 -22.27 -11.59 5.18
CA LYS C 136 -22.35 -12.85 4.51
C LYS C 136 -21.51 -13.88 5.26
N ALA C 137 -20.34 -13.47 5.73
CA ALA C 137 -19.48 -14.39 6.47
C ALA C 137 -20.01 -14.71 7.91
N THR C 138 -20.79 -13.81 8.53
CA THR C 138 -21.21 -13.96 9.90
C THR C 138 -22.66 -14.30 10.10
N GLY C 139 -23.46 -14.28 9.03
CA GLY C 139 -24.93 -14.54 9.12
C GLY C 139 -25.71 -13.33 9.62
N ALA C 140 -25.06 -12.16 9.70
CA ALA C 140 -25.73 -10.93 10.10
C ALA C 140 -26.57 -10.40 8.94
N THR C 141 -27.11 -9.21 9.17
CA THR C 141 -28.02 -8.55 8.23
C THR C 141 -27.44 -7.11 7.86
N LEU C 142 -27.45 -6.77 6.56
CA LEU C 142 -27.16 -5.41 6.14
C LEU C 142 -28.49 -4.62 6.03
N LYS C 143 -28.53 -3.41 6.59
CA LYS C 143 -29.69 -2.51 6.47
C LYS C 143 -29.28 -1.15 5.95
N TYR C 144 -30.17 -0.52 5.20
CA TYR C 144 -29.92 0.77 4.59
C TYR C 144 -30.77 1.88 5.24
N ILE C 145 -30.13 2.94 5.75
CA ILE C 145 -30.84 4.17 6.15
C ILE C 145 -31.37 4.82 4.86
N PRO C 146 -32.69 5.14 4.81
CA PRO C 146 -33.17 5.83 3.61
C PRO C 146 -32.62 7.24 3.56
N LEU C 147 -32.71 7.86 2.39
CA LEU C 147 -32.40 9.27 2.24
C LEU C 147 -33.64 10.10 1.97
N GLN C 148 -33.62 11.36 2.37
CA GLN C 148 -34.63 12.35 1.98
C GLN C 148 -34.56 12.58 0.48
N GLU C 149 -35.65 13.08 -0.09
CA GLU C 149 -35.72 13.24 -1.53
C GLU C 149 -34.59 14.13 -2.09
N ASP C 150 -34.04 15.08 -1.32
CA ASP C 150 -32.91 15.91 -1.77
C ASP C 150 -31.53 15.24 -1.52
N GLY C 151 -31.56 13.99 -1.10
CA GLY C 151 -30.36 13.21 -0.82
C GLY C 151 -29.65 13.53 0.46
N THR C 152 -30.31 14.11 1.43
CA THR C 152 -29.70 14.29 2.76
C THR C 152 -30.19 13.16 3.68
N ILE C 153 -29.59 13.03 4.85
CA ILE C 153 -30.03 12.05 5.84
C ILE C 153 -30.81 12.71 6.95
N SER C 154 -31.96 12.13 7.31
CA SER C 154 -32.69 12.60 8.50
C SER C 154 -32.29 11.85 9.77
N LEU C 155 -32.12 12.55 10.89
CA LEU C 155 -31.84 11.89 12.17
C LEU C 155 -32.94 10.92 12.61
N GLU C 156 -34.13 11.16 12.10
CA GLU C 156 -35.25 10.34 12.43
C GLU C 156 -35.15 9.04 11.66
N ASP C 157 -34.69 9.11 10.43
CA ASP C 157 -34.55 7.91 9.62
C ASP C 157 -33.42 7.00 10.21
N VAL C 158 -32.36 7.62 10.73
CA VAL C 158 -31.33 6.85 11.42
C VAL C 158 -31.90 6.18 12.68
N ARG C 159 -32.65 6.91 13.50
CA ARG C 159 -33.27 6.31 14.70
C ARG C 159 -34.25 5.19 14.41
N GLU C 160 -34.94 5.30 13.28
CA GLU C 160 -35.82 4.26 12.80
C GLU C 160 -35.04 3.03 12.32
N THR C 161 -33.94 3.25 11.63
CA THR C 161 -33.16 2.16 11.06
C THR C 161 -32.25 1.45 12.11
N VAL C 162 -31.56 2.26 12.92
CA VAL C 162 -30.72 1.70 14.00
C VAL C 162 -31.59 1.11 15.13
N THR C 163 -31.31 -0.13 15.52
CA THR C 163 -32.04 -0.80 16.63
C THR C 163 -31.05 -1.36 17.62
N SER C 164 -31.54 -1.93 18.71
CA SER C 164 -30.71 -2.62 19.69
C SER C 164 -29.85 -3.81 19.12
N ASN C 165 -30.25 -4.35 17.96
CA ASN C 165 -29.52 -5.39 17.27
C ASN C 165 -28.39 -4.86 16.40
N THR C 166 -28.30 -3.53 16.23
CA THR C 166 -27.25 -2.98 15.38
C THR C 166 -25.89 -3.05 16.07
N LYS C 167 -24.89 -3.58 15.40
CA LYS C 167 -23.54 -3.62 15.92
C LYS C 167 -22.61 -2.56 15.32
N ILE C 168 -22.88 -2.20 14.05
CA ILE C 168 -22.05 -1.29 13.32
C ILE C 168 -22.92 -0.35 12.49
N VAL C 169 -22.61 0.94 12.54
CA VAL C 169 -23.14 1.92 11.60
C VAL C 169 -21.97 2.46 10.78
N ALA C 170 -22.05 2.39 9.45
CA ALA C 170 -20.96 2.91 8.59
C ALA C 170 -21.55 4.02 7.68
N VAL C 171 -20.86 5.15 7.59
CA VAL C 171 -21.44 6.32 6.93
C VAL C 171 -20.31 7.19 6.42
N SER C 172 -20.49 7.74 5.21
CA SER C 172 -19.50 8.71 4.77
C SER C 172 -19.70 10.06 5.46
N HIS C 173 -18.57 10.70 5.80
CA HIS C 173 -18.62 12.04 6.40
C HIS C 173 -19.23 12.99 5.32
N VAL C 174 -18.67 12.95 4.09
CA VAL C 174 -19.18 13.79 3.00
C VAL C 174 -19.38 12.93 1.76
N SER C 175 -20.56 13.01 1.16
CA SER C 175 -20.86 12.29 -0.08
C SER C 175 -20.04 12.85 -1.24
N ASN C 176 -19.43 11.95 -2.00
CA ASN C 176 -18.58 12.36 -3.13
C ASN C 176 -19.40 12.63 -4.33
N VAL C 177 -20.69 12.28 -4.26
CA VAL C 177 -21.63 12.55 -5.38
C VAL C 177 -22.51 13.78 -5.08
N LEU C 178 -23.14 13.76 -3.91
CA LEU C 178 -24.15 14.76 -3.56
C LEU C 178 -23.57 16.01 -2.95
N GLY C 179 -22.36 15.89 -2.39
CA GLY C 179 -21.76 16.98 -1.67
C GLY C 179 -22.36 17.26 -0.30
N THR C 180 -23.25 16.38 0.14
CA THR C 180 -23.82 16.47 1.49
C THR C 180 -22.77 16.23 2.59
N VAL C 181 -22.92 17.00 3.66
CA VAL C 181 -22.20 16.80 4.93
C VAL C 181 -23.15 16.09 5.87
N ASN C 182 -22.90 14.79 6.09
CA ASN C 182 -23.75 14.00 6.97
C ASN C 182 -23.55 14.34 8.45
N PRO C 183 -24.64 14.27 9.25
CA PRO C 183 -24.53 14.62 10.68
C PRO C 183 -23.85 13.45 11.49
N ILE C 184 -22.56 13.33 11.30
CA ILE C 184 -21.70 12.36 11.94
C ILE C 184 -21.71 12.30 13.46
N LYS C 185 -21.70 13.47 14.08
CA LYS C 185 -21.65 13.58 15.51
C LYS C 185 -22.92 13.00 16.15
N GLU C 186 -24.03 13.43 15.60
CA GLU C 186 -25.35 13.01 16.10
C GLU C 186 -25.60 11.53 15.81
N MET C 187 -25.02 11.08 14.69
CA MET C 187 -25.10 9.68 14.27
C MET C 187 -24.30 8.78 15.21
N ALA C 188 -23.15 9.28 15.64
CA ALA C 188 -22.34 8.55 16.59
C ALA C 188 -23.09 8.35 17.89
N LYS C 189 -23.80 9.39 18.32
CA LYS C 189 -24.59 9.31 19.53
C LYS C 189 -25.70 8.25 19.39
N ILE C 190 -26.40 8.21 18.25
CA ILE C 190 -27.47 7.22 18.06
C ILE C 190 -26.88 5.80 18.00
N ALA C 191 -25.72 5.67 17.37
CA ALA C 191 -25.04 4.36 17.34
C ALA C 191 -24.72 3.89 18.78
N HIS C 192 -24.20 4.82 19.59
CA HIS C 192 -23.79 4.49 20.94
C HIS C 192 -24.98 4.11 21.82
N ASP C 193 -26.09 4.84 21.65
CA ASP C 193 -27.34 4.58 22.38
C ASP C 193 -27.94 3.20 22.10
N ASN C 194 -27.65 2.65 20.93
CA ASN C 194 -28.13 1.31 20.56
C ASN C 194 -27.07 0.19 20.71
N GLY C 195 -25.97 0.46 21.40
CA GLY C 195 -24.91 -0.52 21.62
C GLY C 195 -24.15 -0.84 20.34
N ALA C 196 -23.98 0.16 19.45
CA ALA C 196 -23.23 -0.07 18.23
C ALA C 196 -22.02 0.84 18.15
N VAL C 197 -21.05 0.48 17.31
CA VAL C 197 -19.95 1.44 17.00
C VAL C 197 -20.22 2.12 15.67
N ILE C 198 -19.55 3.26 15.42
CA ILE C 198 -19.70 3.94 14.15
C ILE C 198 -18.39 4.00 13.38
N VAL C 199 -18.44 3.68 12.08
CA VAL C 199 -17.29 3.76 11.21
C VAL C 199 -17.55 4.90 10.19
N VAL C 200 -16.62 5.86 10.16
CA VAL C 200 -16.77 6.98 9.31
C VAL C 200 -15.82 6.92 8.13
N ASP C 201 -16.40 6.95 6.94
CA ASP C 201 -15.61 7.07 5.74
C ASP C 201 -15.37 8.58 5.55
N GLY C 202 -14.14 9.01 5.87
CA GLY C 202 -13.77 10.42 5.83
C GLY C 202 -12.89 10.75 4.60
N ALA C 203 -12.93 9.98 3.49
CA ALA C 203 -12.04 10.22 2.37
C ALA C 203 -12.36 11.61 1.71
N GLN C 204 -13.62 12.02 1.71
CA GLN C 204 -14.08 13.23 1.06
C GLN C 204 -14.18 14.43 1.98
N SER C 205 -14.16 14.24 3.29
CA SER C 205 -14.20 15.36 4.24
C SER C 205 -12.77 15.83 4.59
N THR C 206 -11.90 14.91 5.00
CA THR C 206 -10.56 15.20 5.43
C THR C 206 -9.77 16.17 4.55
N PRO C 207 -9.90 16.14 3.19
CA PRO C 207 -9.11 17.16 2.39
C PRO C 207 -9.64 18.59 2.46
N HIS C 208 -10.90 18.74 2.85
CA HIS C 208 -11.70 19.99 2.63
C HIS C 208 -12.21 20.72 3.85
N MET C 209 -12.25 20.03 5.00
CA MET C 209 -12.71 20.58 6.28
C MET C 209 -11.87 19.99 7.41
N LYS C 210 -11.84 20.72 8.53
CA LYS C 210 -11.20 20.35 9.77
C LYS C 210 -11.80 19.06 10.33
N ILE C 211 -10.93 18.11 10.68
CA ILE C 211 -11.39 16.87 11.32
C ILE C 211 -10.97 16.85 12.80
N ASP C 212 -11.95 16.67 13.68
CA ASP C 212 -11.69 16.43 15.09
C ASP C 212 -12.41 15.12 15.51
N VAL C 213 -11.66 14.02 15.62
CA VAL C 213 -12.24 12.70 15.94
C VAL C 213 -12.70 12.66 17.38
N GLN C 214 -12.12 13.45 18.25
CA GLN C 214 -12.62 13.53 19.64
C GLN C 214 -13.99 14.21 19.75
N ASP C 215 -14.20 15.27 19.00
CA ASP C 215 -15.51 15.92 18.98
C ASP C 215 -16.51 15.06 18.21
N LEU C 216 -16.09 14.48 17.10
CA LEU C 216 -16.96 13.57 16.35
C LEU C 216 -17.35 12.29 17.18
N ASP C 217 -16.47 11.88 18.11
CA ASP C 217 -16.63 10.67 18.87
C ASP C 217 -16.85 9.40 18.02
N CYS C 218 -16.37 9.45 16.78
CA CYS C 218 -16.43 8.31 15.93
C CYS C 218 -15.47 7.20 16.43
N ASP C 219 -15.84 5.92 16.22
CA ASP C 219 -15.05 4.79 16.67
C ASP C 219 -13.94 4.47 15.68
N PHE C 220 -14.21 4.64 14.38
CA PHE C 220 -13.24 4.53 13.35
C PHE C 220 -13.41 5.65 12.33
N PHE C 221 -12.28 6.00 11.69
CA PHE C 221 -12.28 7.08 10.75
C PHE C 221 -11.23 6.70 9.72
N ALA C 222 -11.59 6.73 8.44
CA ALA C 222 -10.67 6.33 7.34
C ALA C 222 -10.45 7.53 6.39
N LEU C 223 -9.23 7.67 5.78
CA LEU C 223 -8.98 8.79 4.85
C LEU C 223 -7.86 8.38 3.89
N SER C 224 -7.76 9.06 2.76
CA SER C 224 -6.79 8.74 1.72
C SER C 224 -5.90 9.96 1.41
N SER C 225 -4.60 9.74 1.36
CA SER C 225 -3.64 10.81 1.14
C SER C 225 -3.82 11.44 -0.24
N HIS C 226 -4.10 10.65 -1.26
CA HIS C 226 -4.11 11.11 -2.61
C HIS C 226 -5.20 12.19 -2.88
N LYS C 227 -6.17 12.30 -2.01
CA LYS C 227 -7.22 13.31 -2.18
C LYS C 227 -6.97 14.60 -1.43
N MET C 228 -5.93 14.64 -0.60
CA MET C 228 -5.64 15.80 0.22
C MET C 228 -4.21 16.30 -0.09
N CYS C 229 -3.88 16.38 -1.37
CA CYS C 229 -2.58 16.88 -1.85
C CYS C 229 -1.43 16.05 -1.49
N GLY C 230 -1.69 14.78 -1.03
CA GLY C 230 -0.62 13.82 -0.66
C GLY C 230 -0.32 12.81 -1.74
N PRO C 231 0.78 12.07 -1.56
CA PRO C 231 1.16 11.00 -2.52
C PRO C 231 0.10 9.89 -2.62
N THR C 232 0.09 9.22 -3.77
CA THR C 232 -0.79 8.05 -3.89
C THR C 232 -0.29 6.85 -3.03
N GLY C 233 -1.16 5.87 -2.81
CA GLY C 233 -0.79 4.64 -2.10
C GLY C 233 -0.77 4.70 -0.59
N VAL C 234 -1.20 5.82 0.02
CA VAL C 234 -1.17 5.87 1.45
C VAL C 234 -2.44 6.43 2.02
N GLY C 235 -2.79 5.97 3.22
CA GLY C 235 -3.99 6.50 3.86
C GLY C 235 -3.87 6.26 5.34
N VAL C 236 -4.97 6.51 6.05
CA VAL C 236 -4.91 6.36 7.50
C VAL C 236 -6.16 5.58 7.97
N LEU C 237 -6.00 4.70 8.97
CA LEU C 237 -7.08 4.23 9.74
C LEU C 237 -6.90 4.75 11.16
N TYR C 238 -7.88 5.47 11.67
CA TYR C 238 -7.92 5.82 13.08
C TYR C 238 -8.94 4.96 13.71
N GLY C 239 -8.69 4.51 14.93
CA GLY C 239 -9.67 3.75 15.71
C GLY C 239 -9.44 4.03 17.19
N LYS C 240 -10.49 4.02 18.00
CA LYS C 240 -10.34 4.22 19.45
C LYS C 240 -9.37 3.19 19.95
N LYS C 241 -8.44 3.65 20.78
CA LYS C 241 -7.43 2.76 21.33
C LYS C 241 -8.02 1.42 21.92
N ALA C 242 -9.11 1.54 22.71
CA ALA C 242 -9.68 0.35 23.38
C ALA C 242 -10.21 -0.63 22.35
N LEU C 243 -10.63 -0.14 21.18
CA LEU C 243 -11.12 -1.08 20.15
C LEU C 243 -9.95 -1.78 19.48
N LEU C 244 -8.92 -0.99 19.08
CA LEU C 244 -7.71 -1.51 18.45
C LEU C 244 -7.00 -2.54 19.30
N GLU C 245 -7.00 -2.37 20.62
CA GLU C 245 -6.38 -3.32 21.55
C GLU C 245 -6.93 -4.74 21.35
N ASN C 246 -8.24 -4.86 21.13
CA ASN C 246 -8.93 -6.14 21.10
C ASN C 246 -9.24 -6.61 19.72
N MET C 247 -8.76 -5.90 18.67
CA MET C 247 -8.89 -6.43 17.32
C MET C 247 -7.64 -7.15 16.91
N GLU C 248 -7.80 -8.26 16.23
CA GLU C 248 -6.65 -8.97 15.71
C GLU C 248 -6.06 -8.18 14.54
N PRO C 249 -4.74 -8.30 14.25
CA PRO C 249 -4.22 -7.70 12.98
C PRO C 249 -4.94 -8.22 11.75
N ALA C 250 -5.02 -7.42 10.70
CA ALA C 250 -5.57 -7.84 9.40
C ALA C 250 -4.53 -8.55 8.54
N GLU C 251 -3.24 -8.28 8.78
CA GLU C 251 -2.13 -8.77 7.99
C GLU C 251 -1.03 -9.21 8.95
N PHE C 252 -0.21 -10.14 8.52
CA PHE C 252 0.82 -10.63 9.40
C PHE C 252 2.17 -10.64 8.72
N GLY C 253 3.23 -10.35 9.44
CA GLY C 253 4.58 -10.47 8.82
C GLY C 253 5.57 -9.77 9.75
N GLY C 254 6.72 -9.35 9.25
CA GLY C 254 7.65 -8.63 10.06
C GLY C 254 7.04 -7.27 10.46
N GLU C 255 7.73 -6.61 11.37
CA GLU C 255 7.39 -5.25 11.85
C GLU C 255 6.17 -5.23 12.77
N MET C 256 5.26 -6.20 12.63
CA MET C 256 4.04 -6.12 13.46
C MET C 256 4.18 -7.08 14.64
N ILE C 257 5.35 -7.69 14.81
CA ILE C 257 5.59 -8.71 15.82
C ILE C 257 6.47 -8.22 16.95
N ASP C 258 6.35 -8.90 18.08
CA ASP C 258 7.23 -8.85 19.19
C ASP C 258 8.16 -10.13 19.18
N PHE C 259 7.57 -11.34 19.13
CA PHE C 259 8.33 -12.56 19.08
C PHE C 259 7.75 -13.50 18.05
N VAL C 260 8.63 -14.16 17.28
CA VAL C 260 8.17 -15.17 16.28
C VAL C 260 8.84 -16.49 16.57
N GLY C 261 8.02 -17.46 16.99
CA GLY C 261 8.45 -18.82 17.11
C GLY C 261 7.97 -19.58 15.86
N LEU C 262 8.17 -20.92 15.84
CA LEU C 262 7.80 -21.69 14.59
C LEU C 262 6.28 -21.71 14.34
N TYR C 263 5.51 -21.85 15.40
CA TYR C 263 4.08 -22.15 15.31
C TYR C 263 3.17 -21.00 15.81
N GLU C 264 3.75 -20.07 16.60
CA GLU C 264 3.11 -18.98 17.34
C GLU C 264 3.95 -17.73 17.42
N SER C 265 3.24 -16.60 17.46
CA SER C 265 3.88 -15.32 17.50
C SER C 265 3.08 -14.37 18.41
N THR C 266 3.78 -13.38 18.99
CA THR C 266 3.13 -12.33 19.73
C THR C 266 3.13 -10.99 18.92
N TRP C 267 2.10 -10.19 19.08
CA TRP C 267 2.00 -8.92 18.34
C TRP C 267 2.68 -7.77 19.06
N LYS C 268 3.26 -6.84 18.29
CA LYS C 268 3.76 -5.53 18.77
C LYS C 268 2.59 -4.74 19.32
N GLU C 269 2.90 -3.84 20.24
CA GLU C 269 1.91 -2.87 20.70
C GLU C 269 1.41 -1.96 19.52
N LEU C 270 0.33 -1.28 19.80
CA LEU C 270 -0.25 -0.32 18.88
C LEU C 270 0.77 0.85 18.73
N PRO C 271 0.86 1.48 17.55
CA PRO C 271 -0.01 1.15 16.39
C PRO C 271 0.56 0.12 15.48
N TRP C 272 1.83 -0.21 15.69
CA TRP C 272 2.59 -1.11 14.79
C TRP C 272 1.94 -2.53 14.69
N LYS C 273 1.14 -2.98 15.67
CA LYS C 273 0.28 -4.14 15.53
C LYS C 273 -0.34 -4.29 14.14
N PHE C 274 -0.77 -3.16 13.53
CA PHE C 274 -1.50 -3.18 12.27
C PHE C 274 -0.66 -2.78 11.07
N GLU C 275 0.64 -2.75 11.22
CA GLU C 275 1.52 -2.33 10.12
C GLU C 275 2.53 -3.45 9.80
N ALA C 276 2.12 -4.38 8.96
CA ALA C 276 2.94 -5.52 8.60
C ALA C 276 3.87 -5.14 7.47
N GLY C 277 5.13 -5.54 7.52
CA GLY C 277 5.97 -5.45 6.28
C GLY C 277 6.70 -4.11 6.28
N THR C 278 7.71 -3.96 5.44
CA THR C 278 8.23 -2.61 5.09
C THR C 278 7.11 -1.60 4.86
N PRO C 279 7.05 -0.55 5.65
CA PRO C 279 5.86 0.34 5.53
C PRO C 279 5.98 1.29 4.31
N ILE C 280 4.91 2.09 4.07
CA ILE C 280 4.88 3.09 2.97
C ILE C 280 5.72 4.31 3.37
N ILE C 281 7.03 4.17 3.28
CA ILE C 281 7.88 5.11 3.96
C ILE C 281 7.77 6.51 3.27
N ALA C 282 8.06 6.56 1.99
CA ALA C 282 8.11 7.91 1.36
C ALA C 282 6.69 8.50 1.37
N GLY C 283 5.68 7.63 1.13
CA GLY C 283 4.28 8.10 1.04
C GLY C 283 3.81 8.75 2.33
N ALA C 284 4.08 8.07 3.45
CA ALA C 284 3.72 8.59 4.76
C ALA C 284 4.45 9.87 5.05
N ILE C 285 5.75 9.97 4.74
CA ILE C 285 6.45 11.26 5.00
C ILE C 285 5.84 12.39 4.12
N GLY C 286 5.43 12.03 2.91
CA GLY C 286 4.89 13.02 1.98
C GLY C 286 3.49 13.44 2.36
N LEU C 287 2.73 12.51 3.00
CA LEU C 287 1.37 12.79 3.59
C LEU C 287 1.59 13.81 4.70
N GLY C 288 2.67 13.62 5.47
CA GLY C 288 2.95 14.58 6.51
C GLY C 288 3.22 15.98 5.92
N ALA C 289 3.95 16.03 4.78
CA ALA C 289 4.25 17.31 4.15
C ALA C 289 2.93 17.93 3.64
N ALA C 290 2.01 17.10 3.13
CA ALA C 290 0.71 17.62 2.68
C ALA C 290 -0.10 18.18 3.79
N ILE C 291 -0.09 17.48 4.94
CA ILE C 291 -0.70 18.06 6.09
C ILE C 291 -0.11 19.42 6.51
N ASP C 292 1.22 19.51 6.53
CA ASP C 292 1.80 20.82 6.88
C ASP C 292 1.32 21.91 5.92
N PHE C 293 1.25 21.58 4.64
CA PHE C 293 0.90 22.55 3.58
C PHE C 293 -0.54 23.00 3.78
N LEU C 294 -1.43 22.02 4.00
CA LEU C 294 -2.83 22.33 4.19
C LEU C 294 -3.10 23.13 5.48
N GLU C 295 -2.36 22.81 6.53
CA GLU C 295 -2.51 23.54 7.80
C GLU C 295 -2.00 24.98 7.65
N GLU C 296 -0.92 25.18 6.88
CA GLU C 296 -0.39 26.50 6.74
C GLU C 296 -1.46 27.37 6.02
N ILE C 297 -2.15 26.81 5.04
CA ILE C 297 -3.20 27.60 4.39
C ILE C 297 -4.37 27.77 5.36
N GLY C 298 -4.72 26.68 6.06
CA GLY C 298 -5.83 26.59 7.01
C GLY C 298 -7.02 25.88 6.39
N LEU C 299 -7.50 24.85 7.04
CA LEU C 299 -8.65 24.15 6.55
C LEU C 299 -9.93 24.94 6.62
N ASP C 300 -10.08 25.83 7.60
CA ASP C 300 -11.26 26.63 7.60
C ASP C 300 -11.27 27.54 6.36
N GLU C 301 -10.08 28.05 6.00
CA GLU C 301 -9.98 28.86 4.78
C GLU C 301 -10.23 28.08 3.52
N ILE C 302 -9.81 26.83 3.49
CA ILE C 302 -10.04 25.98 2.32
C ILE C 302 -11.54 25.70 2.19
N SER C 303 -12.20 25.55 3.32
CA SER C 303 -13.62 25.28 3.35
C SER C 303 -14.38 26.49 2.86
N ARG C 304 -14.01 27.67 3.36
CA ARG C 304 -14.68 28.92 2.95
C ARG C 304 -14.53 29.13 1.42
N HIS C 305 -13.32 28.88 0.91
CA HIS C 305 -13.04 29.01 -0.50
C HIS C 305 -13.92 28.08 -1.33
N GLU C 306 -14.04 26.81 -0.93
CA GLU C 306 -14.83 25.87 -1.68
C GLU C 306 -16.30 26.17 -1.59
N HIS C 307 -16.78 26.69 -0.45
CA HIS C 307 -18.21 27.02 -0.34
C HIS C 307 -18.50 28.18 -1.29
N LYS C 308 -17.62 29.15 -1.36
CA LYS C 308 -17.78 30.25 -2.28
C LYS C 308 -17.77 29.73 -3.73
N LEU C 309 -16.89 28.82 -4.11
CA LEU C 309 -16.91 28.28 -5.47
C LEU C 309 -18.15 27.44 -5.76
N ALA C 310 -18.56 26.65 -4.78
CA ALA C 310 -19.80 25.89 -4.89
C ALA C 310 -21.05 26.76 -5.07
N ALA C 311 -21.21 27.81 -4.26
CA ALA C 311 -22.30 28.81 -4.44
C ALA C 311 -22.24 29.46 -5.80
N TYR C 312 -21.05 29.87 -6.24
CA TYR C 312 -20.91 30.61 -7.53
C TYR C 312 -21.30 29.66 -8.66
N ALA C 313 -20.81 28.42 -8.56
CA ALA C 313 -21.13 27.37 -9.53
C ALA C 313 -22.65 27.11 -9.59
N LEU C 314 -23.29 26.94 -8.43
CA LEU C 314 -24.72 26.67 -8.35
C LEU C 314 -25.57 27.77 -8.97
N GLU C 315 -25.26 29.01 -8.60
CA GLU C 315 -25.94 30.20 -9.13
C GLU C 315 -25.82 30.30 -10.64
N ARG C 316 -24.62 30.06 -11.14
CA ARG C 316 -24.37 30.08 -12.57
C ARG C 316 -25.07 28.90 -13.23
N PHE C 317 -25.21 27.79 -12.53
CA PHE C 317 -25.71 26.57 -13.14
C PHE C 317 -27.19 26.56 -13.54
N ARG C 318 -28.09 27.04 -12.70
CA ARG C 318 -29.48 26.88 -13.15
C ARG C 318 -30.01 28.01 -14.02
N GLN C 319 -29.24 29.10 -14.05
CA GLN C 319 -29.40 30.18 -15.05
C GLN C 319 -28.86 29.79 -16.42
N LEU C 320 -28.34 28.58 -16.50
CA LEU C 320 -28.27 27.78 -17.69
C LEU C 320 -29.44 26.78 -17.63
N ASP C 321 -30.34 26.89 -18.62
CA ASP C 321 -31.35 25.86 -18.89
C ASP C 321 -30.76 24.49 -19.17
N GLY C 322 -31.59 23.51 -18.95
CA GLY C 322 -31.25 22.19 -19.36
C GLY C 322 -30.13 21.52 -18.58
N VAL C 323 -29.87 21.96 -17.34
CA VAL C 323 -29.06 21.11 -16.44
C VAL C 323 -29.78 20.87 -15.14
N THR C 324 -29.89 19.59 -14.82
CA THR C 324 -30.29 19.15 -13.51
C THR C 324 -29.03 18.87 -12.65
N VAL C 325 -28.97 19.55 -11.51
CA VAL C 325 -27.95 19.34 -10.48
C VAL C 325 -28.55 18.45 -9.35
N TYR C 326 -27.78 17.52 -8.79
CA TYR C 326 -28.30 16.63 -7.73
C TYR C 326 -27.76 17.07 -6.39
N GLY C 327 -28.60 16.98 -5.37
CA GLY C 327 -28.21 17.33 -3.99
C GLY C 327 -28.67 18.70 -3.54
N PRO C 328 -28.50 18.99 -2.24
CA PRO C 328 -29.00 20.22 -1.66
C PRO C 328 -28.11 21.47 -1.99
N GLU C 329 -28.62 22.64 -1.61
CA GLU C 329 -27.97 23.93 -1.83
C GLU C 329 -26.66 24.07 -1.06
N GLU C 330 -26.72 23.87 0.26
CA GLU C 330 -25.52 23.93 1.09
C GLU C 330 -24.75 22.60 0.95
N ARG C 331 -23.51 22.67 0.46
CA ARG C 331 -22.81 21.48 0.08
C ARG C 331 -21.29 21.64 0.19
N ALA C 332 -20.55 20.60 -0.11
CA ALA C 332 -19.11 20.73 -0.19
C ALA C 332 -18.81 21.16 -1.62
N GLY C 333 -17.52 21.20 -1.97
CA GLY C 333 -17.01 21.85 -3.15
C GLY C 333 -17.05 20.96 -4.36
N LEU C 334 -18.27 20.57 -4.75
CA LEU C 334 -18.49 19.69 -5.91
C LEU C 334 -19.92 19.83 -6.39
N VAL C 335 -20.12 19.58 -7.70
CA VAL C 335 -21.46 19.56 -8.29
C VAL C 335 -21.59 18.37 -9.22
N THR C 336 -22.59 17.53 -8.97
CA THR C 336 -22.94 16.45 -9.89
C THR C 336 -24.19 16.83 -10.64
N PHE C 337 -24.17 16.63 -11.95
CA PHE C 337 -25.20 17.18 -12.84
C PHE C 337 -25.39 16.34 -14.09
N ASN C 338 -26.43 16.65 -14.85
CA ASN C 338 -26.60 16.10 -16.19
C ASN C 338 -27.17 17.15 -17.11
N LEU C 339 -26.69 17.13 -18.34
CA LEU C 339 -27.28 17.86 -19.43
C LEU C 339 -28.35 16.95 -20.07
N ASP C 340 -29.56 17.51 -20.31
CA ASP C 340 -30.65 16.71 -20.84
C ASP C 340 -30.25 16.20 -22.23
N ASP C 341 -30.52 14.92 -22.43
CA ASP C 341 -30.28 14.22 -23.70
C ASP C 341 -28.82 14.13 -24.17
N VAL C 342 -27.85 14.34 -23.29
CA VAL C 342 -26.42 14.19 -23.69
C VAL C 342 -25.77 13.38 -22.61
N HIS C 343 -25.38 12.14 -22.93
CA HIS C 343 -24.69 11.29 -21.95
C HIS C 343 -23.44 12.00 -21.40
N PRO C 344 -23.18 11.91 -20.07
CA PRO C 344 -21.98 12.54 -19.52
C PRO C 344 -20.63 12.13 -20.12
N HIS C 345 -20.52 10.98 -20.77
CA HIS C 345 -19.25 10.69 -21.47
C HIS C 345 -19.02 11.69 -22.63
N ASP C 346 -20.09 11.97 -23.38
CA ASP C 346 -20.05 12.98 -24.45
C ASP C 346 -19.74 14.37 -23.89
N VAL C 347 -20.35 14.67 -22.74
CA VAL C 347 -20.09 15.94 -22.04
C VAL C 347 -18.60 16.05 -21.69
N ALA C 348 -18.04 14.98 -21.16
CA ALA C 348 -16.69 15.04 -20.68
C ALA C 348 -15.72 15.09 -21.85
N THR C 349 -16.05 14.43 -22.96
CA THR C 349 -15.24 14.57 -24.17
C THR C 349 -15.17 16.04 -24.68
N VAL C 350 -16.31 16.74 -24.67
CA VAL C 350 -16.34 18.11 -25.25
C VAL C 350 -15.58 19.03 -24.26
N LEU C 351 -15.85 18.84 -22.95
CA LEU C 351 -15.14 19.60 -21.91
C LEU C 351 -13.62 19.40 -21.96
N ASP C 352 -13.20 18.15 -22.17
CA ASP C 352 -11.78 17.87 -22.29
C ASP C 352 -11.16 18.47 -23.54
N ALA C 353 -11.94 18.58 -24.61
CA ALA C 353 -11.51 19.30 -25.79
C ALA C 353 -11.30 20.81 -25.52
N GLU C 354 -11.99 21.36 -24.52
CA GLU C 354 -11.70 22.71 -24.06
C GLU C 354 -10.76 22.72 -22.87
N GLY C 355 -10.06 21.62 -22.66
CA GLY C 355 -9.07 21.44 -21.55
C GLY C 355 -9.60 21.19 -20.18
N ILE C 356 -10.89 20.92 -20.07
CA ILE C 356 -11.54 20.81 -18.75
C ILE C 356 -11.70 19.36 -18.34
N ALA C 357 -11.27 19.02 -17.12
CA ALA C 357 -11.28 17.64 -16.61
C ALA C 357 -12.39 17.48 -15.61
N VAL C 358 -13.40 16.67 -15.95
CA VAL C 358 -14.48 16.26 -15.00
C VAL C 358 -14.58 14.77 -15.05
N ARG C 359 -15.37 14.19 -14.15
CA ARG C 359 -15.63 12.74 -14.14
C ARG C 359 -17.04 12.45 -14.63
N ALA C 360 -17.19 11.33 -15.34
CA ALA C 360 -18.49 10.92 -15.79
C ALA C 360 -18.77 9.44 -15.52
N GLY C 361 -19.88 9.14 -14.82
CA GLY C 361 -20.41 7.79 -14.60
C GLY C 361 -20.35 7.28 -13.16
N HIS C 362 -21.47 6.91 -12.58
CA HIS C 362 -21.44 6.27 -11.20
C HIS C 362 -20.64 6.90 -10.02
N HIS C 363 -19.40 7.37 -10.22
CA HIS C 363 -18.49 7.81 -9.15
C HIS C 363 -18.41 6.79 -7.97
N CYS C 364 -18.34 5.51 -8.31
CA CYS C 364 -18.29 4.46 -7.27
C CYS C 364 -19.50 4.47 -6.29
N ALA C 365 -20.66 4.91 -6.77
CA ALA C 365 -21.88 4.92 -5.96
C ALA C 365 -23.08 4.43 -6.78
N GLN C 366 -22.99 3.20 -7.27
CA GLN C 366 -24.05 2.66 -8.10
C GLN C 366 -25.44 2.68 -7.47
N PRO C 367 -25.56 2.25 -6.17
CA PRO C 367 -26.89 2.33 -5.57
C PRO C 367 -27.45 3.75 -5.56
N LEU C 368 -26.59 4.75 -5.35
CA LEU C 368 -27.00 6.14 -5.39
C LEU C 368 -27.56 6.49 -6.75
N MET C 369 -26.85 6.05 -7.81
CA MET C 369 -27.33 6.25 -9.18
C MET C 369 -28.76 5.67 -9.35
N LYS C 370 -29.00 4.45 -8.90
CA LYS C 370 -30.29 3.82 -9.04
C LYS C 370 -31.35 4.59 -8.20
N TRP C 371 -30.97 5.08 -7.01
CA TRP C 371 -31.85 5.93 -6.16
C TRP C 371 -32.27 7.24 -6.87
N LEU C 372 -31.35 7.81 -7.65
CA LEU C 372 -31.58 9.02 -8.46
C LEU C 372 -32.26 8.75 -9.79
N ASP C 373 -32.43 7.47 -10.16
CA ASP C 373 -33.13 7.07 -11.38
C ASP C 373 -32.35 7.49 -12.63
N VAL C 374 -31.05 7.34 -12.53
CA VAL C 374 -30.13 7.73 -13.57
C VAL C 374 -29.10 6.61 -13.79
N THR C 375 -28.63 6.42 -15.00
CA THR C 375 -27.59 5.48 -15.33
C THR C 375 -26.21 6.11 -15.23
N ALA C 376 -26.06 7.43 -15.41
CA ALA C 376 -24.73 8.08 -15.26
C ALA C 376 -24.86 9.56 -15.00
N THR C 377 -23.79 10.16 -14.49
CA THR C 377 -23.77 11.59 -14.17
C THR C 377 -22.40 12.20 -14.46
N ALA C 378 -22.37 13.52 -14.59
CA ALA C 378 -21.11 14.25 -14.71
C ALA C 378 -20.86 14.98 -13.40
N ARG C 379 -19.60 15.20 -13.06
CA ARG C 379 -19.24 15.80 -11.77
C ARG C 379 -18.01 16.69 -11.94
N ALA C 380 -18.17 17.97 -11.60
CA ALA C 380 -17.06 18.85 -11.41
C ALA C 380 -16.86 19.05 -9.91
N SER C 381 -15.60 19.02 -9.49
CA SER C 381 -15.25 19.18 -8.09
C SER C 381 -14.19 20.24 -8.01
N PHE C 382 -14.16 20.94 -6.89
CA PHE C 382 -13.26 22.04 -6.68
C PHE C 382 -12.37 21.87 -5.49
N TYR C 383 -11.27 22.61 -5.49
CA TYR C 383 -10.31 22.50 -4.39
C TYR C 383 -9.54 23.81 -4.26
N LEU C 384 -8.45 23.84 -3.52
CA LEU C 384 -7.90 25.06 -3.02
C LEU C 384 -7.31 25.85 -4.17
N TYR C 385 -7.00 25.18 -5.28
CA TYR C 385 -6.32 25.79 -6.43
C TYR C 385 -7.29 26.19 -7.54
N ASN C 386 -8.59 26.03 -7.33
CA ASN C 386 -9.59 26.40 -8.37
C ASN C 386 -10.07 27.84 -8.19
N THR C 387 -10.51 28.41 -9.30
CA THR C 387 -10.94 29.82 -9.31
C THR C 387 -12.37 29.99 -9.81
N GLU C 388 -12.96 31.15 -9.53
CA GLU C 388 -14.22 31.46 -10.22
C GLU C 388 -14.14 31.47 -11.75
N GLU C 389 -12.99 31.96 -12.25
CA GLU C 389 -12.72 31.95 -13.69
C GLU C 389 -12.90 30.56 -14.35
N GLU C 390 -12.41 29.51 -13.64
CA GLU C 390 -12.49 28.16 -14.15
C GLU C 390 -13.92 27.66 -14.16
N ILE C 391 -14.73 28.15 -13.20
CA ILE C 391 -16.16 27.84 -13.20
C ILE C 391 -16.78 28.43 -14.45
N ASP C 392 -16.41 29.68 -14.78
CA ASP C 392 -16.91 30.32 -15.97
C ASP C 392 -16.57 29.52 -17.21
N LYS C 393 -15.32 29.03 -17.29
CA LYS C 393 -14.91 28.20 -18.42
C LYS C 393 -15.75 26.93 -18.56
N LEU C 394 -16.08 26.32 -17.42
CA LEU C 394 -16.89 25.12 -17.37
C LEU C 394 -18.28 25.39 -17.90
N VAL C 395 -18.88 26.50 -17.47
CA VAL C 395 -20.24 26.76 -17.85
C VAL C 395 -20.30 27.11 -19.35
N GLU C 396 -19.32 27.87 -19.82
CA GLU C 396 -19.25 28.24 -21.25
C GLU C 396 -19.06 26.97 -22.11
N ALA C 397 -18.26 26.02 -21.60
CA ALA C 397 -18.07 24.79 -22.30
C ALA C 397 -19.33 23.92 -22.27
N LEU C 398 -20.06 23.89 -21.15
CA LEU C 398 -21.36 23.20 -21.12
C LEU C 398 -22.31 23.84 -22.21
N GLN C 399 -22.27 25.15 -22.37
CA GLN C 399 -23.13 25.82 -23.40
C GLN C 399 -22.73 25.35 -24.80
N LYS C 400 -21.42 25.34 -25.04
CA LYS C 400 -20.87 24.80 -26.29
C LYS C 400 -21.29 23.32 -26.53
N THR C 401 -21.24 22.53 -25.47
CA THR C 401 -21.64 21.12 -25.54
C THR C 401 -23.12 20.99 -25.97
N LYS C 402 -23.98 21.77 -25.32
CA LYS C 402 -25.41 21.78 -25.64
C LYS C 402 -25.61 22.08 -27.11
N GLU C 403 -25.02 23.18 -27.57
CA GLU C 403 -25.19 23.64 -28.96
C GLU C 403 -24.55 22.70 -29.94
N TYR C 404 -23.43 22.09 -29.57
CA TYR C 404 -22.84 21.04 -30.41
C TYR C 404 -23.80 19.85 -30.66
N PHE C 405 -24.46 19.35 -29.61
CA PHE C 405 -25.29 18.17 -29.76
C PHE C 405 -26.74 18.44 -30.19
N THR C 406 -27.08 19.72 -30.32
CA THR C 406 -28.34 20.13 -30.91
C THR C 406 -28.17 20.23 -32.44
N ASN C 407 -26.97 20.58 -32.93
CA ASN C 407 -26.69 20.64 -34.40
C ASN C 407 -26.47 19.27 -35.05
N VAL C 408 -27.30 18.31 -34.65
CA VAL C 408 -27.27 16.95 -35.16
C VAL C 408 -28.60 16.26 -34.82
N ASN D 6 35.51 11.10 19.54
CA ASN D 6 35.31 9.91 18.69
C ASN D 6 34.36 8.89 19.33
N LEU D 7 34.59 7.59 19.03
CA LEU D 7 34.03 6.41 19.73
C LEU D 7 34.36 6.48 21.22
N ASP D 8 35.51 7.10 21.56
CA ASP D 8 36.02 7.31 22.91
C ASP D 8 35.05 8.10 23.81
N THR D 9 34.15 8.87 23.21
CA THR D 9 33.19 9.64 24.02
C THR D 9 31.94 8.77 24.33
N LEU D 10 31.83 7.64 23.65
CA LEU D 10 30.73 6.67 23.89
C LEU D 10 31.16 5.55 24.82
N TYR D 11 32.28 4.87 24.48
CA TYR D 11 32.79 3.73 25.27
C TYR D 11 33.74 4.15 26.36
N ARG D 12 33.27 5.08 27.19
CA ARG D 12 34.02 5.50 28.39
C ARG D 12 34.40 4.35 29.33
N GLN D 13 35.56 4.54 29.98
CA GLN D 13 36.08 3.64 31.02
C GLN D 13 35.05 3.10 31.98
N VAL D 14 34.23 3.96 32.59
CA VAL D 14 33.18 3.55 33.53
C VAL D 14 32.16 2.63 32.86
N ILE D 15 31.76 2.99 31.61
CA ILE D 15 30.81 2.15 30.88
C ILE D 15 31.37 0.72 30.67
N MET D 16 32.61 0.66 30.21
CA MET D 16 33.26 -0.62 29.93
C MET D 16 33.41 -1.43 31.19
N ASP D 17 33.54 -0.71 32.32
CA ASP D 17 33.80 -1.38 33.56
C ASP D 17 32.50 -2.05 34.01
N HIS D 18 31.39 -1.32 33.93
CA HIS D 18 30.08 -1.88 34.26
C HIS D 18 29.66 -2.99 33.30
N TYR D 19 30.08 -2.94 32.06
CA TYR D 19 29.87 -4.07 31.15
C TYR D 19 30.69 -5.32 31.53
N LYS D 20 32.00 -5.13 31.78
CA LYS D 20 32.87 -6.22 32.20
C LYS D 20 32.41 -6.80 33.56
N ASN D 21 32.21 -5.95 34.57
CA ASN D 21 31.90 -6.35 35.92
C ASN D 21 30.59 -5.74 36.45
N PRO D 22 29.42 -6.28 36.03
CA PRO D 22 28.16 -5.65 36.44
C PRO D 22 27.90 -5.65 37.92
N ARG D 23 27.04 -4.77 38.41
CA ARG D 23 26.85 -4.65 39.86
C ARG D 23 25.79 -5.57 40.42
N ASN D 24 24.53 -5.44 40.03
CA ASN D 24 23.49 -6.29 40.64
C ASN D 24 23.05 -7.46 39.75
N LYS D 25 23.95 -8.42 39.53
CA LYS D 25 23.61 -9.61 38.74
C LYS D 25 22.83 -10.69 39.51
N GLY D 26 21.60 -10.96 39.05
CA GLY D 26 20.74 -11.94 39.67
C GLY D 26 19.29 -11.62 39.47
N VAL D 27 18.45 -12.58 39.83
CA VAL D 27 16.96 -12.42 39.78
C VAL D 27 16.47 -12.77 41.16
N LEU D 28 15.81 -11.87 41.85
CA LEU D 28 15.60 -12.12 43.27
C LEU D 28 14.17 -12.04 43.74
N ASN D 29 13.79 -13.14 44.42
CA ASN D 29 12.63 -13.45 45.29
C ASN D 29 11.22 -12.84 45.11
N ASP D 30 10.38 -13.08 46.12
CA ASP D 30 9.18 -12.30 46.46
C ASP D 30 9.33 -10.83 46.04
N SER D 31 8.86 -10.49 44.84
CA SER D 31 9.19 -9.19 44.18
C SER D 31 8.35 -8.88 42.96
N ILE D 32 8.52 -7.67 42.42
CA ILE D 32 8.01 -7.36 41.10
C ILE D 32 9.12 -7.66 40.09
N VAL D 33 8.87 -8.58 39.17
CA VAL D 33 9.85 -8.92 38.14
C VAL D 33 9.29 -8.67 36.75
N VAL D 34 9.87 -7.72 36.02
CA VAL D 34 9.49 -7.51 34.61
C VAL D 34 10.67 -7.83 33.72
N ASP D 35 10.39 -8.34 32.53
CA ASP D 35 11.44 -8.61 31.56
C ASP D 35 11.11 -7.84 30.27
N MET D 36 12.12 -7.25 29.68
CA MET D 36 11.94 -6.38 28.55
C MET D 36 13.02 -6.54 27.49
N ASN D 37 12.65 -6.30 26.23
CA ASN D 37 13.51 -6.55 25.07
C ASN D 37 13.62 -5.32 24.24
N ASN D 38 14.78 -5.14 23.63
CA ASN D 38 14.96 -4.03 22.73
C ASN D 38 14.34 -4.45 21.42
N PRO D 39 13.43 -3.60 20.86
CA PRO D 39 12.84 -3.95 19.58
C PRO D 39 13.92 -4.27 18.56
N THR D 40 15.02 -3.48 18.55
CA THR D 40 16.18 -3.83 17.73
C THR D 40 16.86 -4.97 18.48
N CYS D 41 16.47 -6.18 18.10
CA CYS D 41 16.83 -7.43 18.72
C CYS D 41 18.30 -7.58 19.15
N GLY D 42 18.51 -8.17 20.31
CA GLY D 42 19.82 -8.48 20.84
C GLY D 42 19.97 -8.14 22.31
N ASP D 43 19.06 -7.34 22.83
CA ASP D 43 19.15 -6.82 24.19
C ASP D 43 17.99 -7.32 24.99
N ARG D 44 18.28 -8.13 25.99
CA ARG D 44 17.23 -8.68 26.87
C ARG D 44 17.59 -8.41 28.33
N ILE D 45 16.62 -7.93 29.09
CA ILE D 45 16.78 -7.69 30.50
C ILE D 45 15.62 -8.34 31.24
N ARG D 46 15.89 -8.86 32.43
CA ARG D 46 14.88 -9.17 33.43
C ARG D 46 15.23 -8.41 34.70
N LEU D 47 14.47 -7.35 34.94
CA LEU D 47 14.64 -6.56 36.12
C LEU D 47 13.80 -7.14 37.28
N THR D 48 14.46 -7.23 38.44
CA THR D 48 13.87 -7.64 39.68
C THR D 48 13.98 -6.49 40.69
N MET D 49 12.85 -6.02 41.22
CA MET D 49 12.84 -5.07 42.32
C MET D 49 11.94 -5.53 43.47
N LYS D 50 12.50 -5.50 44.69
CA LYS D 50 11.70 -5.61 45.92
C LYS D 50 11.55 -4.22 46.52
N LEU D 51 10.30 -3.82 46.69
CA LEU D 51 9.96 -2.48 47.15
C LEU D 51 9.43 -2.50 48.61
N ASP D 52 9.99 -1.61 49.44
CA ASP D 52 9.78 -1.54 50.87
C ASP D 52 8.88 -0.33 51.14
N GLY D 53 7.57 -0.54 50.97
CA GLY D 53 6.57 0.50 51.20
C GLY D 53 6.55 1.54 50.08
N ASP D 54 7.60 2.34 50.00
CA ASP D 54 7.77 3.47 49.05
C ASP D 54 9.22 3.62 48.54
N ILE D 55 10.12 2.74 48.97
CA ILE D 55 11.55 2.85 48.67
C ILE D 55 11.98 1.53 48.04
N VAL D 56 13.04 1.54 47.24
CA VAL D 56 13.50 0.30 46.63
C VAL D 56 14.68 -0.19 47.45
N GLU D 57 14.44 -1.22 48.26
CA GLU D 57 15.49 -1.76 49.08
C GLU D 57 16.57 -2.44 48.26
N ASP D 58 16.17 -3.23 47.27
CA ASP D 58 17.12 -3.83 46.35
C ASP D 58 16.62 -3.84 44.89
N ALA D 59 17.54 -3.71 43.94
CA ALA D 59 17.22 -4.03 42.56
C ALA D 59 18.32 -4.90 41.99
N LYS D 60 17.92 -5.95 41.28
CA LYS D 60 18.87 -6.83 40.61
C LYS D 60 18.42 -7.05 39.16
N PHE D 61 19.34 -7.49 38.30
CA PHE D 61 19.02 -7.78 36.90
C PHE D 61 19.78 -8.96 36.37
N GLU D 62 19.14 -9.63 35.42
CA GLU D 62 19.74 -10.65 34.57
C GLU D 62 19.52 -10.27 33.08
N GLY D 63 20.39 -10.75 32.18
CA GLY D 63 20.31 -10.29 30.78
C GLY D 63 21.47 -10.67 29.90
N GLU D 64 21.34 -10.39 28.61
CA GLU D 64 22.41 -10.41 27.66
C GLU D 64 22.16 -9.27 26.71
N GLY D 65 23.25 -8.67 26.29
CA GLY D 65 23.22 -7.76 25.22
C GLY D 65 24.49 -6.96 25.09
N CYS D 66 24.36 -5.85 24.33
CA CYS D 66 25.50 -5.03 24.00
C CYS D 66 26.03 -4.35 25.24
N SER D 67 27.22 -3.79 25.10
CA SER D 67 27.82 -3.03 26.20
C SER D 67 26.98 -1.98 26.85
N ILE D 68 26.38 -1.15 25.98
CA ILE D 68 25.54 -0.05 26.49
C ILE D 68 24.34 -0.55 27.32
N SER D 69 23.61 -1.57 26.85
CA SER D 69 22.41 -1.97 27.51
C SER D 69 22.70 -2.56 28.87
N MET D 70 23.71 -3.41 28.92
CA MET D 70 24.12 -4.11 30.13
C MET D 70 24.74 -3.19 31.16
N ALA D 71 25.56 -2.25 30.69
CA ALA D 71 26.23 -1.33 31.54
C ALA D 71 25.19 -0.40 32.12
N SER D 72 24.19 -0.04 31.31
CA SER D 72 23.19 0.90 31.78
C SER D 72 22.33 0.21 32.82
N ALA D 73 22.09 -1.10 32.65
CA ALA D 73 21.34 -1.88 33.63
C ALA D 73 22.05 -1.91 34.98
N SER D 74 23.36 -2.17 34.94
CA SER D 74 24.18 -2.20 36.13
C SER D 74 24.17 -0.82 36.85
N MET D 75 24.50 0.23 36.12
CA MET D 75 24.54 1.56 36.68
C MET D 75 23.17 1.98 37.23
N MET D 76 22.12 1.60 36.50
CA MET D 76 20.79 1.96 36.94
C MET D 76 20.44 1.27 38.27
N THR D 77 20.60 -0.03 38.31
CA THR D 77 20.21 -0.82 39.47
C THR D 77 20.93 -0.32 40.72
N GLN D 78 22.18 0.12 40.53
CA GLN D 78 22.98 0.55 41.66
C GLN D 78 22.56 1.95 42.06
N ALA D 79 22.28 2.82 41.09
CA ALA D 79 21.87 4.18 41.42
C ALA D 79 20.46 4.28 41.98
N ILE D 80 19.74 3.15 42.05
CA ILE D 80 18.41 3.20 42.62
C ILE D 80 18.27 2.56 44.01
N LYS D 81 19.32 1.88 44.48
CA LYS D 81 19.35 1.31 45.84
C LYS D 81 19.08 2.37 46.91
N GLY D 82 17.94 2.21 47.61
CA GLY D 82 17.57 3.07 48.73
C GLY D 82 16.88 4.40 48.41
N LYS D 83 16.87 4.74 47.12
CA LYS D 83 16.11 5.89 46.62
C LYS D 83 14.63 5.57 46.66
N ASP D 84 13.85 6.63 46.73
CA ASP D 84 12.41 6.58 46.65
C ASP D 84 11.88 6.33 45.21
N ILE D 85 10.62 5.96 45.12
CA ILE D 85 9.91 5.73 43.83
C ILE D 85 9.81 7.03 43.02
N GLU D 86 9.52 8.13 43.73
CA GLU D 86 9.34 9.43 43.11
C GLU D 86 10.69 9.85 42.52
N THR D 87 11.74 9.71 43.34
CA THR D 87 13.12 10.01 42.99
C THR D 87 13.52 9.12 41.81
N ALA D 88 13.05 7.87 41.81
CA ALA D 88 13.51 6.91 40.79
C ALA D 88 12.93 7.28 39.44
N LEU D 89 11.65 7.67 39.44
CA LEU D 89 11.00 8.14 38.19
C LEU D 89 11.62 9.45 37.73
N SER D 90 12.02 10.30 38.68
CA SER D 90 12.68 11.56 38.37
C SER D 90 14.00 11.31 37.73
N MET D 91 14.73 10.29 38.23
CA MET D 91 15.99 9.85 37.64
C MET D 91 15.77 9.42 36.21
N SER D 92 14.72 8.62 36.00
CA SER D 92 14.39 8.12 34.68
C SER D 92 14.08 9.24 33.68
N LYS D 93 13.29 10.22 34.10
CA LYS D 93 12.93 11.32 33.22
C LYS D 93 14.20 12.14 32.88
N ILE D 94 15.06 12.35 33.89
CA ILE D 94 16.34 13.01 33.68
C ILE D 94 17.17 12.20 32.66
N PHE D 95 17.21 10.88 32.81
CA PHE D 95 17.97 10.04 31.88
C PHE D 95 17.43 10.20 30.43
N SER D 96 16.11 10.16 30.27
CA SER D 96 15.51 10.29 28.95
C SER D 96 15.78 11.67 28.33
N ASP D 97 15.77 12.74 29.14
CA ASP D 97 16.22 14.06 28.64
C ASP D 97 17.68 14.02 28.23
N MET D 98 18.47 13.29 29.02
CA MET D 98 19.89 13.18 28.76
C MET D 98 20.19 12.49 27.43
N MET D 99 19.34 11.57 27.02
CA MET D 99 19.49 10.86 25.76
C MET D 99 19.14 11.70 24.56
N GLN D 100 18.28 12.69 24.78
CA GLN D 100 17.91 13.62 23.72
C GLN D 100 18.94 14.75 23.84
N GLY D 101 18.78 15.87 23.16
CA GLY D 101 19.71 17.00 23.47
C GLY D 101 19.66 17.59 24.90
N LYS D 102 18.53 17.43 25.59
CA LYS D 102 18.02 18.38 26.59
C LYS D 102 18.93 18.67 27.78
N GLU D 103 18.70 19.85 28.34
CA GLU D 103 19.52 20.52 29.37
C GLU D 103 19.55 19.80 30.72
N TYR D 104 18.38 19.29 31.14
CA TYR D 104 18.20 18.48 32.38
C TYR D 104 18.67 19.12 33.73
N ASP D 105 17.96 18.74 34.78
CA ASP D 105 18.21 19.20 36.15
C ASP D 105 19.37 18.43 36.85
N ASP D 106 20.51 19.10 37.10
CA ASP D 106 21.59 18.36 37.74
C ASP D 106 21.44 18.24 39.28
N SER D 107 20.41 18.85 39.90
CA SER D 107 19.96 18.40 41.25
C SER D 107 19.53 16.94 41.16
N ILE D 108 19.97 16.18 42.17
CA ILE D 108 19.92 14.69 42.06
C ILE D 108 21.17 14.14 41.35
N ASP D 109 22.08 13.57 42.16
CA ASP D 109 23.27 12.89 41.73
C ASP D 109 22.86 11.66 40.95
N LEU D 110 23.54 11.49 39.82
CA LEU D 110 23.39 10.30 39.00
C LEU D 110 24.59 9.41 39.12
N GLY D 111 25.66 9.91 39.74
CA GLY D 111 27.00 9.29 39.75
C GLY D 111 27.37 8.75 38.38
N ASP D 112 27.77 7.47 38.36
CA ASP D 112 28.27 6.79 37.15
C ASP D 112 27.38 6.99 35.91
N ILE D 113 26.07 7.09 36.16
CA ILE D 113 25.05 7.18 35.11
C ILE D 113 25.36 8.31 34.13
N GLU D 114 25.87 9.42 34.61
CA GLU D 114 26.23 10.51 33.76
C GLU D 114 27.18 10.11 32.62
N ALA D 115 27.96 9.06 32.82
CA ALA D 115 28.86 8.61 31.74
C ALA D 115 28.18 8.23 30.44
N LEU D 116 26.93 7.86 30.53
CA LEU D 116 26.12 7.53 29.39
C LEU D 116 25.69 8.72 28.54
N GLN D 117 26.07 9.93 28.97
CA GLN D 117 25.78 11.15 28.20
C GLN D 117 26.18 10.94 26.74
N GLY D 118 27.27 10.24 26.52
CA GLY D 118 27.83 10.00 25.22
C GLY D 118 26.87 9.38 24.23
N VAL D 119 25.91 8.61 24.70
CA VAL D 119 25.02 8.05 23.74
C VAL D 119 24.00 9.04 23.12
N SER D 120 23.99 10.28 23.60
CA SER D 120 23.20 11.26 22.95
C SER D 120 23.69 11.52 21.51
N LYS D 121 24.98 11.31 21.29
CA LYS D 121 25.58 11.43 19.99
C LYS D 121 25.55 10.15 19.17
N PHE D 122 24.85 9.11 19.61
CA PHE D 122 24.74 7.86 18.88
C PHE D 122 23.31 7.42 19.04
N PRO D 123 22.34 8.08 18.36
CA PRO D 123 20.93 7.84 18.65
C PRO D 123 20.51 6.39 18.46
N ALA D 124 21.25 5.63 17.65
CA ALA D 124 20.84 4.22 17.41
C ALA D 124 21.02 3.39 18.71
N ARG D 125 21.72 3.94 19.68
CA ARG D 125 21.93 3.23 20.96
C ARG D 125 21.08 3.75 22.12
N ILE D 126 20.20 4.75 21.87
CA ILE D 126 19.33 5.30 22.88
C ILE D 126 18.55 4.19 23.51
N LYS D 127 17.93 3.38 22.67
CA LYS D 127 17.10 2.26 23.15
C LYS D 127 17.91 1.23 23.93
N CYS D 128 19.17 1.09 23.56
CA CYS D 128 20.08 0.19 24.26
C CYS D 128 20.30 0.73 25.68
N ALA D 129 20.44 2.06 25.82
CA ALA D 129 20.65 2.63 27.14
C ALA D 129 19.35 2.72 27.92
N THR D 130 18.23 2.74 27.21
CA THR D 130 16.94 3.08 27.82
C THR D 130 16.23 1.82 28.31
N LEU D 131 16.60 0.68 27.75
CA LEU D 131 15.92 -0.58 28.09
C LEU D 131 15.77 -0.75 29.59
N SER D 132 16.89 -0.67 30.32
CA SER D 132 16.86 -0.87 31.77
C SER D 132 15.83 0.08 32.41
N TRP D 133 15.88 1.34 32.03
CA TRP D 133 14.99 2.35 32.61
C TRP D 133 13.54 2.09 32.22
N LYS D 134 13.31 1.59 30.99
CA LYS D 134 11.94 1.30 30.58
C LYS D 134 11.37 0.22 31.48
N ALA D 135 12.21 -0.77 31.80
CA ALA D 135 11.85 -1.81 32.76
C ALA D 135 11.36 -1.21 34.06
N LEU D 136 12.06 -0.22 34.61
CA LEU D 136 11.63 0.40 35.86
C LEU D 136 10.28 1.09 35.73
N GLU D 137 10.07 1.82 34.63
CA GLU D 137 8.84 2.59 34.45
C GLU D 137 7.59 1.74 34.34
N LYS D 138 7.77 0.53 33.81
CA LYS D 138 6.67 -0.44 33.76
C LYS D 138 6.56 -1.16 35.09
N GLY D 139 7.68 -1.23 35.84
CA GLY D 139 7.74 -1.86 37.18
C GLY D 139 6.75 -1.27 38.14
N VAL D 140 6.63 0.05 38.12
CA VAL D 140 5.73 0.81 38.98
C VAL D 140 4.29 0.95 38.43
#